data_2GMY
#
_entry.id   2GMY
#
_cell.length_a   75.009
_cell.length_b   75.009
_cell.length_c   148.755
_cell.angle_alpha   90.00
_cell.angle_beta   90.00
_cell.angle_gamma   120.00
#
_symmetry.space_group_name_H-M   'P 31'
#
loop_
_entity.id
_entity.type
_entity.pdbx_description
1 polymer 'Hypothetical protein Atu0492'
2 water water
#
_entity_poly.entity_id   1
_entity_poly.type   'polypeptide(L)'
_entity_poly.pdbx_seq_one_letter_code
;MKTRINYAKASPEAFKAVMALENYVQSSGLEHRFIHLIKLRASIINGCAFCVDMHVKESRHDGLSEQWINLMSVWRESPV
YTEQERALLGWVDAVTKIAETGAPDDAFETLRAHFSDEEIVKITVAIGAINTWNRIAVGFRSQHPVEAAAKAA
;
_entity_poly.pdbx_strand_id   A,B,C,D,E,F
#
# COMPACT_ATOMS: atom_id res chain seq x y z
N LYS A 2 -18.06 -21.31 5.85
CA LYS A 2 -17.94 -22.72 5.40
C LYS A 2 -16.51 -23.05 4.98
N THR A 3 -16.03 -24.19 5.46
CA THR A 3 -14.70 -24.71 5.14
C THR A 3 -14.62 -25.10 3.66
N ARG A 4 -13.49 -24.79 3.03
CA ARG A 4 -13.29 -25.12 1.62
C ARG A 4 -12.84 -26.56 1.43
N ILE A 5 -11.79 -26.95 2.17
CA ILE A 5 -11.23 -28.30 2.11
C ILE A 5 -10.87 -28.77 3.51
N ASN A 6 -11.21 -30.02 3.81
CA ASN A 6 -10.67 -30.71 4.98
C ASN A 6 -9.28 -31.21 4.59
N TYR A 7 -8.28 -30.39 4.87
CA TYR A 7 -6.96 -30.63 4.32
C TYR A 7 -6.26 -31.84 4.95
N ALA A 8 -6.56 -32.11 6.22
CA ALA A 8 -6.01 -33.27 6.91
C ALA A 8 -6.50 -34.57 6.25
N LYS A 9 -7.73 -34.55 5.74
CA LYS A 9 -8.35 -35.70 5.07
C LYS A 9 -7.93 -35.78 3.60
N ALA A 10 -7.91 -34.63 2.92
CA ALA A 10 -7.55 -34.55 1.50
C ALA A 10 -6.12 -34.97 1.22
N SER A 11 -5.17 -34.58 2.08
CA SER A 11 -3.80 -35.04 1.97
C SER A 11 -3.14 -35.26 3.33
N PRO A 12 -3.34 -36.44 3.93
CA PRO A 12 -2.73 -36.76 5.21
C PRO A 12 -1.21 -36.59 5.23
N GLU A 13 -0.54 -36.92 4.13
CA GLU A 13 0.91 -36.81 4.03
C GLU A 13 1.40 -35.36 4.19
N ALA A 14 0.74 -34.45 3.48
CA ALA A 14 1.08 -33.03 3.52
C ALA A 14 0.85 -32.48 4.90
N PHE A 15 -0.30 -32.85 5.49
CA PHE A 15 -0.62 -32.44 6.84
C PHE A 15 0.44 -32.90 7.85
N LYS A 16 0.85 -34.17 7.76
CA LYS A 16 1.89 -34.72 8.63
C LYS A 16 3.21 -33.96 8.50
N ALA A 17 3.54 -33.55 7.27
CA ALA A 17 4.79 -32.83 7.04
C ALA A 17 4.78 -31.48 7.74
N VAL A 18 3.65 -30.76 7.68
CA VAL A 18 3.56 -29.48 8.39
C VAL A 18 3.56 -29.73 9.89
N MET A 19 2.90 -30.80 10.34
CA MET A 19 2.90 -31.18 11.76
C MET A 19 4.29 -31.52 12.29
N ALA A 20 5.15 -32.08 11.44
CA ALA A 20 6.53 -32.37 11.83
C ALA A 20 7.31 -31.08 12.07
N LEU A 21 7.09 -30.08 11.21
CA LEU A 21 7.76 -28.79 11.41
C LEU A 21 7.27 -28.12 12.69
N GLU A 22 5.97 -28.19 12.92
CA GLU A 22 5.37 -27.68 14.15
C GLU A 22 5.98 -28.34 15.39
N ASN A 23 6.14 -29.67 15.33
CA ASN A 23 6.78 -30.41 16.42
C ASN A 23 8.22 -29.94 16.67
N TYR A 24 8.96 -29.65 15.61
CA TYR A 24 10.29 -29.06 15.81
C TYR A 24 10.19 -27.75 16.59
N VAL A 25 9.32 -26.85 16.14
CA VAL A 25 9.22 -25.53 16.77
C VAL A 25 8.94 -25.69 18.26
N GLN A 26 7.96 -26.55 18.58
CA GLN A 26 7.54 -26.78 19.95
C GLN A 26 8.66 -27.28 20.86
N SER A 27 9.56 -28.09 20.34
CA SER A 27 10.59 -28.66 21.19
C SER A 27 11.96 -28.05 20.92
N SER A 28 11.96 -26.89 20.25
CA SER A 28 13.20 -26.27 19.82
C SER A 28 14.07 -25.72 20.96
N GLY A 29 13.44 -25.47 22.11
CA GLY A 29 14.15 -24.84 23.23
C GLY A 29 13.80 -23.37 23.43
N LEU A 30 13.13 -22.76 22.44
CA LEU A 30 12.66 -21.39 22.61
C LEU A 30 11.66 -21.33 23.74
N GLU A 31 11.78 -20.30 24.57
CA GLU A 31 10.84 -20.04 25.65
C GLU A 31 9.40 -20.04 25.11
N HIS A 32 8.50 -20.69 25.82
CA HIS A 32 7.13 -20.83 25.33
C HIS A 32 6.43 -19.49 25.14
N ARG A 33 6.74 -18.52 26.00
CA ARG A 33 6.21 -17.17 25.87
C ARG A 33 6.54 -16.56 24.50
N PHE A 34 7.75 -16.81 24.03
CA PHE A 34 8.18 -16.28 22.72
C PHE A 34 7.49 -17.01 21.57
N ILE A 35 7.30 -18.32 21.74
CA ILE A 35 6.58 -19.10 20.74
C ILE A 35 5.12 -18.60 20.64
N HIS A 36 4.48 -18.40 21.79
CA HIS A 36 3.12 -17.84 21.81
C HIS A 36 3.05 -16.48 21.11
N LEU A 37 3.99 -15.62 21.45
CA LEU A 37 4.06 -14.27 20.88
C LEU A 37 4.20 -14.32 19.36
N ILE A 38 5.14 -15.14 18.88
CA ILE A 38 5.35 -15.27 17.43
C ILE A 38 4.07 -15.74 16.75
N LYS A 39 3.43 -16.76 17.30
CA LYS A 39 2.24 -17.35 16.66
C LYS A 39 1.06 -16.40 16.67
N LEU A 40 0.85 -15.73 17.81
CA LEU A 40 -0.31 -14.85 17.93
C LEU A 40 -0.13 -13.62 17.04
N ARG A 41 1.05 -13.00 17.12
CA ARG A 41 1.26 -11.77 16.34
C ARG A 41 1.18 -12.00 14.83
N ALA A 42 1.87 -13.04 14.34
CA ALA A 42 1.84 -13.33 12.90
C ALA A 42 0.41 -13.64 12.43
N SER A 43 -0.31 -14.39 13.27
CA SER A 43 -1.71 -14.72 12.94
C SER A 43 -2.60 -13.48 12.83
N ILE A 44 -2.41 -12.51 13.71
CA ILE A 44 -3.14 -11.26 13.63
C ILE A 44 -2.81 -10.54 12.31
N ILE A 45 -1.52 -10.43 12.00
CA ILE A 45 -1.12 -9.73 10.77
C ILE A 45 -1.77 -10.37 9.56
N ASN A 46 -1.74 -11.70 9.55
CA ASN A 46 -2.23 -12.46 8.40
C ASN A 46 -3.75 -12.62 8.34
N GLY A 47 -4.46 -12.09 9.34
CA GLY A 47 -5.92 -12.12 9.32
C GLY A 47 -6.50 -13.50 9.63
N CYS A 48 -5.70 -14.36 10.27
CA CYS A 48 -6.12 -15.75 10.47
C CYS A 48 -6.87 -15.93 11.79
N ALA A 49 -8.20 -15.85 11.72
CA ALA A 49 -9.04 -16.01 12.91
C ALA A 49 -8.87 -17.40 13.53
N PHE A 50 -8.78 -18.42 12.66
CA PHE A 50 -8.59 -19.79 13.12
C PHE A 50 -7.38 -19.87 14.05
N CYS A 51 -6.25 -19.33 13.60
CA CYS A 51 -5.04 -19.38 14.42
C CYS A 51 -5.07 -18.41 15.59
N VAL A 52 -5.62 -17.21 15.41
CA VAL A 52 -5.72 -16.28 16.54
C VAL A 52 -6.51 -16.91 17.68
N ASP A 53 -7.63 -17.53 17.36
CA ASP A 53 -8.46 -18.17 18.38
C ASP A 53 -7.64 -19.20 19.15
N MET A 54 -6.93 -20.04 18.41
CA MET A 54 -6.08 -21.08 19.00
C MET A 54 -4.99 -20.49 19.89
N HIS A 55 -4.32 -19.47 19.39
CA HIS A 55 -3.14 -18.97 20.10
C HIS A 55 -3.46 -18.04 21.25
N VAL A 56 -4.62 -17.38 21.20
CA VAL A 56 -5.16 -16.66 22.34
C VAL A 56 -5.33 -17.68 23.50
N LYS A 57 -5.96 -18.81 23.19
CA LYS A 57 -6.26 -19.83 24.21
C LYS A 57 -4.98 -20.45 24.76
N GLU A 58 -4.02 -20.73 23.87
CA GLU A 58 -2.72 -21.27 24.34
C GLU A 58 -1.95 -20.30 25.23
N SER A 59 -1.94 -19.01 24.84
CA SER A 59 -1.28 -17.97 25.63
C SER A 59 -1.92 -17.86 27.02
N ARG A 60 -3.25 -17.88 27.03
CA ARG A 60 -4.00 -17.77 28.28
C ARG A 60 -3.68 -18.96 29.19
N HIS A 61 -3.60 -20.13 28.59
CA HIS A 61 -3.32 -21.34 29.36
C HIS A 61 -1.97 -21.29 30.07
N ASP A 62 -0.97 -20.69 29.41
CA ASP A 62 0.37 -20.57 29.98
C ASP A 62 0.52 -19.36 30.90
N GLY A 63 -0.60 -18.73 31.24
CA GLY A 63 -0.65 -17.69 32.26
C GLY A 63 -0.36 -16.26 31.83
N LEU A 64 -0.25 -16.04 30.51
CA LEU A 64 -0.06 -14.67 29.99
C LEU A 64 -1.31 -13.84 30.24
N SER A 65 -1.12 -12.55 30.52
CA SER A 65 -2.26 -11.71 30.92
C SER A 65 -3.22 -11.41 29.76
N GLU A 66 -4.46 -11.05 30.09
CA GLU A 66 -5.40 -10.65 29.02
C GLU A 66 -4.91 -9.41 28.29
N GLN A 67 -4.18 -8.53 28.99
CA GLN A 67 -3.64 -7.33 28.37
C GLN A 67 -2.56 -7.71 27.35
N TRP A 68 -1.66 -8.60 27.75
CA TRP A 68 -0.60 -9.09 26.86
C TRP A 68 -1.22 -9.68 25.59
N ILE A 69 -2.29 -10.44 25.76
CA ILE A 69 -3.01 -11.08 24.65
C ILE A 69 -3.76 -10.05 23.78
N ASN A 70 -4.57 -9.20 24.41
CA ASN A 70 -5.40 -8.26 23.66
C ASN A 70 -4.68 -7.12 22.98
N LEU A 71 -3.52 -6.72 23.51
CA LEU A 71 -2.82 -5.59 22.94
C LEU A 71 -1.86 -5.96 21.82
N MET A 72 -1.81 -7.25 21.50
CA MET A 72 -0.85 -7.70 20.53
C MET A 72 -1.12 -7.16 19.15
N SER A 73 -2.38 -6.84 18.89
CA SER A 73 -2.77 -6.33 17.61
C SER A 73 -2.24 -4.92 17.40
N VAL A 74 -1.83 -4.28 18.49
CA VAL A 74 -1.46 -2.86 18.50
C VAL A 74 -0.22 -2.64 19.38
N TRP A 75 0.70 -3.61 19.33
CA TRP A 75 1.79 -3.66 20.29
C TRP A 75 2.71 -2.45 20.30
N ARG A 76 2.87 -1.79 19.14
CA ARG A 76 3.87 -0.73 19.05
C ARG A 76 3.59 0.38 20.05
N GLU A 77 2.31 0.62 20.31
CA GLU A 77 1.93 1.70 21.23
C GLU A 77 1.61 1.27 22.67
N SER A 78 1.88 0.00 22.99
CA SER A 78 1.52 -0.55 24.31
C SER A 78 2.74 -0.71 25.22
N PRO A 79 2.67 -0.12 26.43
CA PRO A 79 3.74 -0.35 27.39
C PRO A 79 3.77 -1.72 28.05
N VAL A 80 2.85 -2.62 27.71
CA VAL A 80 2.83 -3.94 28.37
C VAL A 80 4.06 -4.82 28.04
N TYR A 81 4.59 -4.67 26.83
CA TYR A 81 5.69 -5.53 26.36
C TYR A 81 7.07 -5.10 26.83
N THR A 82 7.89 -6.08 27.22
CA THR A 82 9.28 -5.83 27.60
C THR A 82 10.11 -5.41 26.38
N GLU A 83 11.30 -4.85 26.60
CA GLU A 83 12.14 -4.46 25.48
C GLU A 83 12.50 -5.68 24.61
N GLN A 84 12.75 -6.81 25.26
CA GLN A 84 13.02 -8.04 24.53
C GLN A 84 11.82 -8.47 23.68
N GLU A 85 10.63 -8.44 24.27
CA GLU A 85 9.40 -8.75 23.52
C GLU A 85 9.21 -7.79 22.33
N ARG A 86 9.48 -6.50 22.57
CA ARG A 86 9.39 -5.53 21.47
C ARG A 86 10.36 -5.82 20.34
N ALA A 87 11.56 -6.28 20.69
CA ALA A 87 12.56 -6.62 19.70
C ALA A 87 12.04 -7.79 18.86
N LEU A 88 11.48 -8.78 19.54
CA LEU A 88 10.93 -9.94 18.84
C LEU A 88 9.74 -9.55 17.96
N LEU A 89 8.82 -8.76 18.51
CA LEU A 89 7.63 -8.30 17.75
C LEU A 89 8.03 -7.56 16.47
N GLY A 90 9.03 -6.69 16.56
CA GLY A 90 9.52 -5.97 15.38
C GLY A 90 9.95 -6.93 14.26
N TRP A 91 10.58 -8.03 14.66
CA TRP A 91 11.07 -9.02 13.71
C TRP A 91 9.91 -9.87 13.18
N VAL A 92 9.01 -10.28 14.08
CA VAL A 92 7.81 -10.98 13.60
C VAL A 92 7.09 -10.16 12.53
N ASP A 93 6.90 -8.87 12.80
CA ASP A 93 6.23 -7.99 11.83
C ASP A 93 7.02 -7.90 10.52
N ALA A 94 8.32 -7.63 10.60
CA ALA A 94 9.14 -7.40 9.40
C ALA A 94 9.19 -8.65 8.52
N VAL A 95 9.30 -9.81 9.16
CA VAL A 95 9.47 -11.08 8.45
C VAL A 95 8.13 -11.60 7.95
N THR A 96 7.07 -11.40 8.73
CA THR A 96 5.74 -11.78 8.25
C THR A 96 5.38 -10.99 6.98
N LYS A 97 5.80 -9.72 6.95
CA LYS A 97 5.56 -8.88 5.79
C LYS A 97 6.82 -8.71 4.96
N ILE A 98 7.52 -9.82 4.74
CA ILE A 98 8.83 -9.82 4.08
C ILE A 98 8.82 -9.14 2.71
N ALA A 99 7.73 -9.31 1.95
CA ALA A 99 7.69 -8.79 0.58
C ALA A 99 7.68 -7.26 0.58
N GLU A 100 7.08 -6.68 1.62
CA GLU A 100 7.01 -5.22 1.79
C GLU A 100 8.25 -4.64 2.45
N THR A 101 8.76 -5.32 3.48
CA THR A 101 9.81 -4.71 4.30
C THR A 101 11.23 -5.08 3.89
N GLY A 102 11.39 -6.28 3.33
CA GLY A 102 12.72 -6.85 3.06
C GLY A 102 13.58 -7.16 4.27
N ALA A 103 12.96 -7.24 5.46
CA ALA A 103 13.65 -7.50 6.75
C ALA A 103 14.81 -6.52 7.05
N PRO A 104 14.46 -5.26 7.38
CA PRO A 104 15.45 -4.18 7.47
C PRO A 104 16.51 -4.35 8.55
N ASP A 105 17.65 -3.72 8.31
CA ASP A 105 18.77 -3.70 9.25
C ASP A 105 18.36 -3.30 10.66
N ASP A 106 17.54 -2.26 10.81
CA ASP A 106 17.18 -1.78 12.15
C ASP A 106 16.45 -2.86 12.95
N ALA A 107 15.45 -3.49 12.33
CA ALA A 107 14.71 -4.59 12.96
C ALA A 107 15.62 -5.77 13.34
N PHE A 108 16.57 -6.10 12.46
CA PHE A 108 17.48 -7.20 12.74
C PHE A 108 18.44 -6.83 13.87
N GLU A 109 18.95 -5.60 13.86
CA GLU A 109 19.89 -5.12 14.89
C GLU A 109 19.26 -5.18 16.29
N THR A 110 18.02 -4.73 16.38
CA THR A 110 17.29 -4.71 17.64
C THR A 110 17.07 -6.16 18.12
N LEU A 111 16.74 -7.05 17.20
CA LEU A 111 16.59 -8.47 17.54
C LEU A 111 17.90 -9.05 18.08
N ARG A 112 18.99 -8.72 17.39
CA ARG A 112 20.32 -9.22 17.76
C ARG A 112 20.75 -8.77 19.14
N ALA A 113 20.25 -7.60 19.56
CA ALA A 113 20.55 -7.10 20.89
C ALA A 113 20.13 -8.09 21.99
N HIS A 114 19.06 -8.85 21.72
CA HIS A 114 18.39 -9.66 22.76
C HIS A 114 18.47 -11.16 22.57
N PHE A 115 18.94 -11.61 21.41
CA PHE A 115 18.94 -13.03 21.08
C PHE A 115 20.24 -13.45 20.43
N SER A 116 20.68 -14.67 20.74
CA SER A 116 21.81 -15.28 20.05
C SER A 116 21.47 -15.65 18.60
N ASP A 117 22.49 -15.91 17.79
CA ASP A 117 22.23 -16.35 16.42
C ASP A 117 21.41 -17.65 16.41
N GLU A 118 21.71 -18.58 17.32
CA GLU A 118 20.97 -19.83 17.36
C GLU A 118 19.49 -19.55 17.63
N GLU A 119 19.21 -18.73 18.63
CA GLU A 119 17.84 -18.35 18.99
C GLU A 119 17.16 -17.66 17.82
N ILE A 120 17.88 -16.79 17.12
CA ILE A 120 17.29 -16.09 15.96
C ILE A 120 16.87 -17.07 14.87
N VAL A 121 17.68 -18.10 14.62
CA VAL A 121 17.30 -19.10 13.64
C VAL A 121 16.03 -19.81 14.07
N LYS A 122 15.97 -20.22 15.34
CA LYS A 122 14.75 -20.86 15.89
C LYS A 122 13.53 -19.95 15.74
N ILE A 123 13.70 -18.68 16.11
CA ILE A 123 12.64 -17.68 15.97
C ILE A 123 12.15 -17.57 14.53
N THR A 124 13.10 -17.49 13.59
CA THR A 124 12.76 -17.21 12.20
C THR A 124 12.07 -18.44 11.55
N VAL A 125 12.52 -19.64 11.91
CA VAL A 125 11.79 -20.84 11.47
C VAL A 125 10.37 -20.86 12.07
N ALA A 126 10.24 -20.47 13.35
CA ALA A 126 8.93 -20.40 13.99
C ALA A 126 8.02 -19.41 13.24
N ILE A 127 8.57 -18.26 12.83
CA ILE A 127 7.79 -17.27 12.05
C ILE A 127 7.36 -17.90 10.73
N GLY A 128 8.28 -18.64 10.09
CA GLY A 128 7.94 -19.33 8.84
C GLY A 128 6.81 -20.34 9.06
N ALA A 129 6.92 -21.13 10.13
CA ALA A 129 5.92 -22.15 10.43
C ALA A 129 4.51 -21.57 10.61
N ILE A 130 4.37 -20.51 11.41
CA ILE A 130 3.04 -19.96 11.62
C ILE A 130 2.54 -19.34 10.32
N ASN A 131 3.46 -18.76 9.53
CA ASN A 131 3.05 -18.18 8.27
C ASN A 131 2.48 -19.25 7.30
N THR A 132 2.98 -20.49 7.44
CA THR A 132 2.45 -21.61 6.69
C THR A 132 1.05 -22.00 7.21
N TRP A 133 0.91 -22.19 8.52
CA TRP A 133 -0.41 -22.52 9.08
C TRP A 133 -1.44 -21.45 8.72
N ASN A 134 -1.06 -20.17 8.82
CA ASN A 134 -2.00 -19.09 8.45
C ASN A 134 -2.48 -19.19 7.00
N ARG A 135 -1.56 -19.53 6.10
CA ARG A 135 -1.91 -19.66 4.69
C ARG A 135 -2.82 -20.84 4.43
N ILE A 136 -2.57 -21.95 5.13
CA ILE A 136 -3.44 -23.12 5.05
C ILE A 136 -4.82 -22.82 5.61
N ALA A 137 -4.87 -22.25 6.81
CA ALA A 137 -6.17 -21.99 7.47
C ALA A 137 -7.01 -20.96 6.73
N VAL A 138 -6.39 -19.84 6.35
CA VAL A 138 -7.15 -18.83 5.61
C VAL A 138 -7.47 -19.36 4.22
N GLY A 139 -6.47 -19.94 3.56
CA GLY A 139 -6.63 -20.53 2.25
C GLY A 139 -7.79 -21.51 2.15
N PHE A 140 -7.97 -22.33 3.18
CA PHE A 140 -9.03 -23.35 3.16
C PHE A 140 -10.24 -22.98 4.03
N ARG A 141 -10.28 -21.73 4.46
CA ARG A 141 -11.37 -21.20 5.29
C ARG A 141 -11.69 -22.07 6.53
N SER A 142 -10.66 -22.51 7.25
CA SER A 142 -10.85 -23.26 8.48
C SER A 142 -11.67 -22.45 9.48
N GLN A 143 -12.61 -23.11 10.16
CA GLN A 143 -13.54 -22.45 11.09
C GLN A 143 -13.21 -22.81 12.54
N HIS A 144 -12.90 -21.80 13.36
CA HIS A 144 -12.59 -22.04 14.78
C HIS A 144 -13.87 -22.32 15.57
N PRO A 145 -13.76 -23.06 16.70
CA PRO A 145 -14.94 -23.26 17.55
C PRO A 145 -15.42 -21.96 18.20
N VAL A 146 -16.74 -21.88 18.45
CA VAL A 146 -17.36 -20.69 19.01
C VAL A 146 -17.96 -20.98 20.39
N GLU A 147 -17.42 -20.34 21.43
CA GLU A 147 -17.88 -20.58 22.81
C GLU A 147 -19.15 -19.82 23.18
N ALA A 148 -20.17 -20.57 23.60
CA ALA A 148 -21.36 -19.99 24.19
C ALA A 148 -21.20 -19.71 25.69
N MET B 1 30.53 -10.33 6.78
CA MET B 1 30.35 -10.06 5.33
C MET B 1 28.97 -9.47 5.03
N LYS B 2 28.40 -9.82 3.89
CA LYS B 2 27.05 -9.40 3.53
C LYS B 2 25.99 -10.28 4.23
N THR B 3 26.38 -11.51 4.59
CA THR B 3 25.49 -12.45 5.29
C THR B 3 25.34 -12.15 6.78
N ARG B 4 24.10 -12.18 7.26
CA ARG B 4 23.84 -11.92 8.68
C ARG B 4 24.10 -13.13 9.54
N ILE B 5 23.55 -14.27 9.13
CA ILE B 5 23.69 -15.53 9.85
C ILE B 5 23.86 -16.70 8.88
N ASN B 6 24.84 -17.56 9.18
CA ASN B 6 24.99 -18.85 8.53
C ASN B 6 24.04 -19.79 9.27
N TYR B 7 22.81 -19.89 8.80
CA TYR B 7 21.76 -20.53 9.59
C TYR B 7 21.92 -22.05 9.78
N ALA B 8 22.52 -22.72 8.79
CA ALA B 8 22.75 -24.16 8.91
C ALA B 8 23.82 -24.46 9.95
N LYS B 9 24.76 -23.52 10.11
CA LYS B 9 25.78 -23.61 11.14
C LYS B 9 25.27 -23.19 12.52
N ALA B 10 24.46 -22.13 12.57
CA ALA B 10 23.95 -21.60 13.84
C ALA B 10 22.91 -22.51 14.51
N SER B 11 22.06 -23.14 13.70
CA SER B 11 21.14 -24.15 14.22
C SER B 11 20.89 -25.28 13.22
N PRO B 12 21.77 -26.30 13.25
CA PRO B 12 21.63 -27.47 12.40
C PRO B 12 20.24 -28.10 12.50
N GLU B 13 19.70 -28.15 13.72
CA GLU B 13 18.40 -28.78 13.96
C GLU B 13 17.28 -28.02 13.25
N ALA B 14 17.32 -26.70 13.33
CA ALA B 14 16.30 -25.88 12.68
C ALA B 14 16.39 -26.02 11.16
N PHE B 15 17.62 -26.04 10.65
CA PHE B 15 17.86 -26.24 9.23
C PHE B 15 17.29 -27.59 8.75
N LYS B 16 17.57 -28.65 9.51
CA LYS B 16 17.07 -29.97 9.15
C LYS B 16 15.54 -30.03 9.14
N ALA B 17 14.90 -29.30 10.06
CA ALA B 17 13.44 -29.27 10.13
C ALA B 17 12.82 -28.62 8.87
N VAL B 18 13.41 -27.51 8.42
CA VAL B 18 12.92 -26.88 7.21
C VAL B 18 13.23 -27.75 5.99
N MET B 19 14.40 -28.38 5.99
CA MET B 19 14.74 -29.31 4.89
C MET B 19 13.80 -30.51 4.82
N ALA B 20 13.32 -30.98 5.97
CA ALA B 20 12.38 -32.10 6.00
C ALA B 20 11.08 -31.73 5.27
N LEU B 21 10.60 -30.50 5.49
CA LEU B 21 9.38 -30.06 4.78
C LEU B 21 9.64 -29.93 3.28
N GLU B 22 10.81 -29.38 2.95
CA GLU B 22 11.24 -29.30 1.56
C GLU B 22 11.26 -30.69 0.91
N ASN B 23 11.86 -31.66 1.60
CA ASN B 23 11.88 -33.04 1.11
C ASN B 23 10.49 -33.65 0.95
N TYR B 24 9.55 -33.29 1.82
CA TYR B 24 8.17 -33.69 1.58
C TYR B 24 7.67 -33.16 0.24
N VAL B 25 7.84 -31.86 0.02
CA VAL B 25 7.31 -31.21 -1.18
C VAL B 25 7.86 -31.88 -2.44
N GLN B 26 9.16 -32.15 -2.44
CA GLN B 26 9.84 -32.81 -3.56
C GLN B 26 9.25 -34.17 -3.85
N SER B 27 8.86 -34.89 -2.80
CA SER B 27 8.32 -36.25 -2.91
C SER B 27 6.79 -36.29 -3.05
N SER B 28 6.16 -35.12 -3.06
CA SER B 28 4.71 -35.03 -2.90
C SER B 28 3.88 -35.61 -4.03
N GLY B 29 4.45 -35.69 -5.23
CA GLY B 29 3.72 -36.18 -6.40
C GLY B 29 3.24 -35.10 -7.35
N LEU B 30 3.33 -33.83 -6.93
CA LEU B 30 3.08 -32.73 -7.85
C LEU B 30 4.08 -32.76 -9.00
N GLU B 31 3.60 -32.47 -10.20
CA GLU B 31 4.48 -32.36 -11.37
C GLU B 31 5.58 -31.35 -11.05
N HIS B 32 6.81 -31.72 -11.38
CA HIS B 32 7.94 -30.86 -11.03
C HIS B 32 7.84 -29.46 -11.65
N ARG B 33 7.22 -29.38 -12.82
CA ARG B 33 6.92 -28.10 -13.46
C ARG B 33 6.15 -27.16 -12.52
N PHE B 34 5.18 -27.72 -11.79
CA PHE B 34 4.35 -26.89 -10.91
C PHE B 34 5.10 -26.51 -9.64
N ILE B 35 5.93 -27.43 -9.16
CA ILE B 35 6.82 -27.15 -8.04
C ILE B 35 7.79 -26.00 -8.39
N HIS B 36 8.41 -26.07 -9.57
CA HIS B 36 9.30 -24.99 -10.00
C HIS B 36 8.55 -23.66 -10.04
N LEU B 37 7.34 -23.69 -10.60
CA LEU B 37 6.54 -22.49 -10.76
C LEU B 37 6.20 -21.86 -9.39
N ILE B 38 5.73 -22.68 -8.47
CA ILE B 38 5.41 -22.22 -7.12
C ILE B 38 6.63 -21.58 -6.46
N LYS B 39 7.78 -22.27 -6.54
CA LYS B 39 8.97 -21.77 -5.87
C LYS B 39 9.49 -20.49 -6.52
N LEU B 40 9.52 -20.47 -7.85
CA LEU B 40 10.06 -19.32 -8.55
C LEU B 40 9.17 -18.07 -8.35
N ARG B 41 7.87 -18.24 -8.55
CA ARG B 41 6.95 -17.10 -8.44
C ARG B 41 6.95 -16.53 -7.03
N ALA B 42 6.83 -17.40 -6.02
CA ALA B 42 6.79 -16.88 -4.64
C ALA B 42 8.08 -16.17 -4.28
N SER B 43 9.21 -16.72 -4.72
CA SER B 43 10.51 -16.10 -4.41
C SER B 43 10.61 -14.71 -5.03
N ILE B 44 10.12 -14.55 -6.26
CA ILE B 44 10.11 -13.23 -6.91
C ILE B 44 9.24 -12.24 -6.10
N ILE B 45 8.01 -12.66 -5.76
CA ILE B 45 7.14 -11.79 -4.96
C ILE B 45 7.85 -11.34 -3.68
N ASN B 46 8.49 -12.30 -3.02
CA ASN B 46 9.14 -12.04 -1.74
C ASN B 46 10.51 -11.38 -1.80
N GLY B 47 11.01 -11.11 -3.00
CA GLY B 47 12.27 -10.41 -3.17
C GLY B 47 13.49 -11.25 -2.81
N CYS B 48 13.31 -12.56 -2.86
CA CYS B 48 14.37 -13.48 -2.44
C CYS B 48 15.27 -13.88 -3.60
N ALA B 49 16.36 -13.14 -3.77
CA ALA B 49 17.35 -13.41 -4.82
C ALA B 49 18.02 -14.76 -4.59
N PHE B 50 18.25 -15.11 -3.33
CA PHE B 50 18.87 -16.42 -3.03
C PHE B 50 18.05 -17.55 -3.65
N CYS B 51 16.74 -17.52 -3.44
CA CYS B 51 15.88 -18.58 -3.94
C CYS B 51 15.60 -18.42 -5.42
N VAL B 52 15.40 -17.18 -5.91
CA VAL B 52 15.23 -16.99 -7.36
C VAL B 52 16.40 -17.61 -8.13
N ASP B 53 17.62 -17.30 -7.70
CA ASP B 53 18.80 -17.84 -8.38
C ASP B 53 18.76 -19.36 -8.44
N MET B 54 18.48 -19.98 -7.30
CA MET B 54 18.43 -21.45 -7.21
C MET B 54 17.34 -22.00 -8.11
N HIS B 55 16.15 -21.41 -8.03
CA HIS B 55 15.00 -21.98 -8.75
C HIS B 55 14.97 -21.70 -10.24
N VAL B 56 15.64 -20.63 -10.66
CA VAL B 56 15.87 -20.38 -12.09
C VAL B 56 16.75 -21.51 -12.64
N LYS B 57 17.83 -21.82 -11.91
CA LYS B 57 18.77 -22.86 -12.33
C LYS B 57 18.11 -24.24 -12.38
N GLU B 58 17.29 -24.53 -11.36
CA GLU B 58 16.58 -25.81 -11.32
C GLU B 58 15.58 -25.94 -12.46
N SER B 59 14.84 -24.86 -12.72
CA SER B 59 13.87 -24.83 -13.81
C SER B 59 14.55 -25.08 -15.17
N ARG B 60 15.68 -24.39 -15.39
CA ARG B 60 16.44 -24.55 -16.63
C ARG B 60 16.96 -25.98 -16.76
N HIS B 61 17.44 -26.55 -15.65
CA HIS B 61 17.92 -27.93 -15.68
C HIS B 61 16.85 -28.92 -16.13
N ASP B 62 15.60 -28.64 -15.74
CA ASP B 62 14.46 -29.50 -16.08
C ASP B 62 13.81 -29.15 -17.41
N GLY B 63 14.46 -28.26 -18.16
CA GLY B 63 14.08 -28.01 -19.54
C GLY B 63 13.01 -26.97 -19.76
N LEU B 64 12.68 -26.20 -18.73
CA LEU B 64 11.74 -25.11 -18.90
C LEU B 64 12.38 -23.98 -19.71
N SER B 65 11.60 -23.36 -20.59
CA SER B 65 12.12 -22.34 -21.50
C SER B 65 12.59 -21.07 -20.79
N GLU B 66 13.50 -20.35 -21.41
CA GLU B 66 13.96 -19.09 -20.84
C GLU B 66 12.83 -18.06 -20.70
N GLN B 67 11.89 -18.05 -21.65
CA GLN B 67 10.70 -17.20 -21.55
C GLN B 67 9.85 -17.55 -20.33
N TRP B 68 9.60 -18.83 -20.16
CA TRP B 68 8.83 -19.32 -19.01
C TRP B 68 9.49 -18.83 -17.72
N ILE B 69 10.82 -18.86 -17.68
CA ILE B 69 11.57 -18.45 -16.49
C ILE B 69 11.56 -16.94 -16.31
N ASN B 70 11.90 -16.22 -17.38
CA ASN B 70 12.03 -14.76 -17.31
C ASN B 70 10.75 -13.98 -17.19
N LEU B 71 9.64 -14.53 -17.67
CA LEU B 71 8.38 -13.79 -17.65
C LEU B 71 7.58 -14.02 -16.37
N MET B 72 8.15 -14.80 -15.46
CA MET B 72 7.44 -15.19 -14.24
C MET B 72 7.20 -13.99 -13.31
N SER B 73 8.07 -13.00 -13.40
CA SER B 73 7.93 -11.77 -12.62
C SER B 73 6.72 -10.93 -13.06
N VAL B 74 6.24 -11.19 -14.28
CA VAL B 74 5.22 -10.35 -14.92
C VAL B 74 4.19 -11.22 -15.64
N TRP B 75 3.89 -12.37 -15.04
CA TRP B 75 3.10 -13.42 -15.67
C TRP B 75 1.70 -12.99 -16.11
N ARG B 76 1.08 -12.05 -15.38
CA ARG B 76 -0.31 -11.71 -15.71
C ARG B 76 -0.47 -11.25 -17.14
N GLU B 77 0.56 -10.59 -17.66
CA GLU B 77 0.50 -10.00 -18.99
C GLU B 77 1.20 -10.84 -20.07
N SER B 78 1.62 -12.05 -19.72
CA SER B 78 2.36 -12.92 -20.64
C SER B 78 1.56 -14.07 -21.21
N PRO B 79 1.53 -14.21 -22.55
CA PRO B 79 0.85 -15.35 -23.17
C PRO B 79 1.59 -16.68 -23.06
N VAL B 80 2.78 -16.68 -22.44
CA VAL B 80 3.56 -17.91 -22.25
C VAL B 80 2.81 -19.00 -21.47
N TYR B 81 2.08 -18.61 -20.42
CA TYR B 81 1.54 -19.59 -19.46
C TYR B 81 0.21 -20.20 -19.87
N THR B 82 0.06 -21.50 -19.62
CA THR B 82 -1.19 -22.17 -19.92
C THR B 82 -2.27 -21.73 -18.95
N GLU B 83 -3.53 -22.00 -19.30
CA GLU B 83 -4.63 -21.65 -18.40
C GLU B 83 -4.48 -22.31 -17.01
N GLN B 84 -3.99 -23.55 -16.99
CA GLN B 84 -3.75 -24.26 -15.72
C GLN B 84 -2.64 -23.57 -14.94
N GLU B 85 -1.59 -23.16 -15.63
CA GLU B 85 -0.48 -22.46 -14.98
C GLU B 85 -0.95 -21.13 -14.41
N ARG B 86 -1.79 -20.43 -15.18
CA ARG B 86 -2.39 -19.17 -14.72
C ARG B 86 -3.26 -19.35 -13.46
N ALA B 87 -4.00 -20.46 -13.40
CA ALA B 87 -4.82 -20.79 -12.25
C ALA B 87 -3.93 -20.96 -11.03
N LEU B 88 -2.84 -21.69 -11.22
CA LEU B 88 -1.86 -21.92 -10.16
C LEU B 88 -1.19 -20.60 -9.73
N LEU B 89 -0.76 -19.80 -10.70
CA LEU B 89 -0.09 -18.53 -10.40
C LEU B 89 -1.00 -17.58 -9.60
N GLY B 90 -2.27 -17.52 -9.98
CA GLY B 90 -3.24 -16.71 -9.24
C GLY B 90 -3.27 -17.10 -7.76
N TRP B 91 -3.18 -18.42 -7.51
CA TRP B 91 -3.21 -18.93 -6.14
C TRP B 91 -1.89 -18.67 -5.42
N VAL B 92 -0.78 -18.90 -6.12
CA VAL B 92 0.54 -18.58 -5.56
C VAL B 92 0.58 -17.11 -5.14
N ASP B 93 0.12 -16.22 -6.01
CA ASP B 93 0.12 -14.78 -5.67
C ASP B 93 -0.79 -14.48 -4.47
N ALA B 94 -2.03 -14.96 -4.50
CA ALA B 94 -2.98 -14.67 -3.42
C ALA B 94 -2.51 -15.19 -2.06
N VAL B 95 -1.98 -16.41 -2.05
CA VAL B 95 -1.56 -17.05 -0.80
C VAL B 95 -0.24 -16.49 -0.32
N THR B 96 0.67 -16.18 -1.24
CA THR B 96 1.93 -15.54 -0.83
C THR B 96 1.64 -14.19 -0.17
N LYS B 97 0.63 -13.49 -0.70
CA LYS B 97 0.24 -12.19 -0.13
C LYS B 97 -1.05 -12.33 0.67
N ILE B 98 -1.11 -13.36 1.52
CA ILE B 98 -2.31 -13.68 2.28
C ILE B 98 -2.85 -12.49 3.11
N ALA B 99 -1.96 -11.66 3.65
CA ALA B 99 -2.43 -10.59 4.53
C ALA B 99 -3.21 -9.53 3.77
N GLU B 100 -2.85 -9.35 2.51
CA GLU B 100 -3.49 -8.37 1.63
C GLU B 100 -4.77 -8.93 1.01
N THR B 101 -4.72 -10.16 0.52
CA THR B 101 -5.78 -10.70 -0.32
C THR B 101 -6.84 -11.51 0.44
N GLY B 102 -6.44 -12.15 1.53
CA GLY B 102 -7.30 -13.11 2.22
C GLY B 102 -7.70 -14.38 1.47
N ALA B 103 -7.00 -14.69 0.37
CA ALA B 103 -7.30 -15.87 -0.51
C ALA B 103 -8.74 -15.93 -1.06
N PRO B 104 -9.06 -15.02 -2.01
CA PRO B 104 -10.44 -14.85 -2.47
C PRO B 104 -11.09 -16.07 -3.12
N ASP B 105 -12.42 -16.10 -3.06
CA ASP B 105 -13.22 -17.17 -3.67
C ASP B 105 -12.86 -17.37 -5.13
N ASP B 106 -12.71 -16.28 -5.88
CA ASP B 106 -12.42 -16.35 -7.30
C ASP B 106 -11.10 -17.09 -7.55
N ALA B 107 -10.06 -16.77 -6.78
CA ALA B 107 -8.77 -17.45 -6.92
C ALA B 107 -8.87 -18.95 -6.59
N PHE B 108 -9.63 -19.26 -5.53
CA PHE B 108 -9.79 -20.64 -5.12
C PHE B 108 -10.57 -21.45 -6.17
N GLU B 109 -11.68 -20.91 -6.65
CA GLU B 109 -12.54 -21.60 -7.61
C GLU B 109 -11.83 -21.86 -8.94
N THR B 110 -11.07 -20.86 -9.40
CA THR B 110 -10.24 -21.00 -10.60
C THR B 110 -9.22 -22.13 -10.42
N LEU B 111 -8.57 -22.18 -9.25
CA LEU B 111 -7.64 -23.26 -8.96
C LEU B 111 -8.35 -24.62 -8.97
N ARG B 112 -9.54 -24.66 -8.38
CA ARG B 112 -10.34 -25.88 -8.31
C ARG B 112 -10.70 -26.46 -9.68
N ALA B 113 -10.80 -25.59 -10.68
CA ALA B 113 -11.13 -26.00 -12.05
C ALA B 113 -10.01 -26.80 -12.70
N HIS B 114 -8.82 -26.77 -12.11
CA HIS B 114 -7.64 -27.36 -12.73
C HIS B 114 -6.90 -28.40 -11.89
N PHE B 115 -7.23 -28.47 -10.59
CA PHE B 115 -6.54 -29.35 -9.65
C PHE B 115 -7.52 -30.01 -8.69
N SER B 116 -7.21 -31.24 -8.29
CA SER B 116 -7.99 -31.94 -7.26
C SER B 116 -7.73 -31.31 -5.90
N ASP B 117 -8.63 -31.58 -4.95
CA ASP B 117 -8.47 -31.07 -3.59
C ASP B 117 -7.14 -31.56 -2.98
N GLU B 118 -6.80 -32.83 -3.21
CA GLU B 118 -5.52 -33.38 -2.76
C GLU B 118 -4.34 -32.59 -3.33
N GLU B 119 -4.39 -32.29 -4.64
CA GLU B 119 -3.34 -31.49 -5.28
C GLU B 119 -3.29 -30.08 -4.70
N ILE B 120 -4.47 -29.51 -4.44
CA ILE B 120 -4.55 -28.16 -3.87
C ILE B 120 -3.88 -28.10 -2.49
N VAL B 121 -4.07 -29.16 -1.68
CA VAL B 121 -3.40 -29.19 -0.38
C VAL B 121 -1.87 -29.24 -0.54
N LYS B 122 -1.40 -30.08 -1.47
CA LYS B 122 0.04 -30.19 -1.72
C LYS B 122 0.61 -28.86 -2.22
N ILE B 123 -0.14 -28.23 -3.13
CA ILE B 123 0.22 -26.92 -3.68
C ILE B 123 0.34 -25.89 -2.57
N THR B 124 -0.63 -25.88 -1.67
CA THR B 124 -0.68 -24.84 -0.63
C THR B 124 0.43 -25.05 0.41
N VAL B 125 0.69 -26.31 0.77
CA VAL B 125 1.84 -26.62 1.62
C VAL B 125 3.15 -26.19 0.93
N ALA B 126 3.28 -26.47 -0.37
CA ALA B 126 4.44 -26.04 -1.15
C ALA B 126 4.62 -24.50 -1.13
N ILE B 127 3.52 -23.76 -1.26
CA ILE B 127 3.58 -22.31 -1.15
C ILE B 127 4.07 -21.90 0.24
N GLY B 128 3.55 -22.57 1.27
CA GLY B 128 4.01 -22.35 2.63
C GLY B 128 5.50 -22.57 2.77
N ALA B 129 5.99 -23.69 2.25
CA ALA B 129 7.42 -24.05 2.34
C ALA B 129 8.33 -22.99 1.73
N ILE B 130 8.02 -22.57 0.50
CA ILE B 130 8.88 -21.57 -0.15
C ILE B 130 8.80 -20.24 0.59
N ASN B 131 7.62 -19.93 1.12
CA ASN B 131 7.46 -18.71 1.89
C ASN B 131 8.35 -18.73 3.14
N THR B 132 8.55 -19.91 3.70
CA THR B 132 9.46 -20.08 4.83
C THR B 132 10.93 -19.89 4.40
N TRP B 133 11.34 -20.57 3.33
CA TRP B 133 12.71 -20.40 2.79
C TRP B 133 13.00 -18.94 2.48
N ASN B 134 12.04 -18.27 1.86
CA ASN B 134 12.23 -16.87 1.48
C ASN B 134 12.46 -16.01 2.71
N ARG B 135 11.71 -16.28 3.78
CA ARG B 135 11.85 -15.50 4.99
C ARG B 135 13.19 -15.74 5.67
N ILE B 136 13.65 -16.99 5.63
CA ILE B 136 14.97 -17.33 6.18
C ILE B 136 16.07 -16.67 5.36
N ALA B 137 16.03 -16.86 4.05
CA ALA B 137 17.11 -16.36 3.18
C ALA B 137 17.18 -14.83 3.13
N VAL B 138 16.04 -14.16 2.93
CA VAL B 138 16.04 -12.69 2.97
C VAL B 138 16.38 -12.19 4.39
N GLY B 139 15.77 -12.82 5.38
CA GLY B 139 15.97 -12.46 6.78
C GLY B 139 17.44 -12.50 7.18
N PHE B 140 18.16 -13.50 6.66
CA PHE B 140 19.57 -13.74 7.02
C PHE B 140 20.55 -13.24 5.97
N ARG B 141 20.01 -12.58 4.94
CA ARG B 141 20.81 -12.04 3.84
C ARG B 141 21.74 -13.10 3.24
N SER B 142 21.17 -14.28 2.99
CA SER B 142 21.91 -15.36 2.33
C SER B 142 22.32 -14.90 0.93
N GLN B 143 23.56 -15.25 0.56
CA GLN B 143 24.15 -14.79 -0.71
C GLN B 143 24.24 -15.92 -1.72
N HIS B 144 23.58 -15.78 -2.86
CA HIS B 144 23.64 -16.82 -3.89
C HIS B 144 24.99 -16.81 -4.61
N PRO B 145 25.39 -17.95 -5.18
CA PRO B 145 26.67 -17.94 -5.93
C PRO B 145 26.61 -17.09 -7.20
N VAL B 146 27.72 -16.46 -7.53
CA VAL B 146 27.82 -15.64 -8.75
C VAL B 146 28.78 -16.27 -9.75
N LYS C 2 -6.86 -10.79 -27.58
CA LYS C 2 -6.15 -10.40 -26.32
C LYS C 2 -5.69 -8.94 -26.33
N THR C 3 -5.25 -8.46 -27.50
CA THR C 3 -4.76 -7.09 -27.67
C THR C 3 -5.95 -6.11 -27.71
N ARG C 4 -5.83 -4.99 -26.99
CA ARG C 4 -6.87 -3.96 -27.01
C ARG C 4 -6.73 -3.02 -28.21
N ILE C 5 -5.52 -2.55 -28.44
CA ILE C 5 -5.25 -1.61 -29.53
C ILE C 5 -3.87 -1.87 -30.14
N ASN C 6 -3.82 -1.95 -31.47
CA ASN C 6 -2.56 -1.90 -32.21
C ASN C 6 -2.24 -0.44 -32.39
N TYR C 7 -1.42 0.07 -31.47
CA TYR C 7 -1.21 1.50 -31.38
C TYR C 7 -0.47 2.07 -32.60
N ALA C 8 0.45 1.30 -33.19
CA ALA C 8 1.17 1.78 -34.38
C ALA C 8 0.20 1.98 -35.55
N LYS C 9 -0.82 1.13 -35.63
CA LYS C 9 -1.85 1.22 -36.65
C LYS C 9 -2.92 2.28 -36.32
N ALA C 10 -3.32 2.37 -35.04
CA ALA C 10 -4.37 3.30 -34.65
C ALA C 10 -3.94 4.77 -34.72
N SER C 11 -2.69 5.05 -34.35
CA SER C 11 -2.13 6.39 -34.52
C SER C 11 -0.66 6.35 -34.93
N PRO C 12 -0.40 6.22 -36.24
CA PRO C 12 1.01 6.24 -36.71
C PRO C 12 1.80 7.47 -36.23
N GLU C 13 1.15 8.62 -36.15
CA GLU C 13 1.79 9.88 -35.76
C GLU C 13 2.25 9.84 -34.28
N ALA C 14 1.37 9.39 -33.39
CA ALA C 14 1.73 9.25 -31.97
C ALA C 14 2.82 8.21 -31.76
N PHE C 15 2.73 7.10 -32.49
CA PHE C 15 3.77 6.07 -32.49
C PHE C 15 5.13 6.64 -32.91
N LYS C 16 5.15 7.38 -34.02
CA LYS C 16 6.39 8.03 -34.48
C LYS C 16 6.97 8.96 -33.41
N ALA C 17 6.09 9.68 -32.69
CA ALA C 17 6.55 10.61 -31.67
C ALA C 17 7.23 9.86 -30.51
N VAL C 18 6.63 8.76 -30.06
CA VAL C 18 7.24 7.98 -28.99
C VAL C 18 8.54 7.34 -29.48
N MET C 19 8.54 6.87 -30.74
CA MET C 19 9.74 6.29 -31.33
C MET C 19 10.90 7.29 -31.41
N ALA C 20 10.58 8.56 -31.65
CA ALA C 20 11.58 9.62 -31.71
C ALA C 20 12.30 9.73 -30.35
N LEU C 21 11.52 9.71 -29.27
CA LEU C 21 12.12 9.74 -27.93
C LEU C 21 12.95 8.47 -27.68
N GLU C 22 12.41 7.33 -28.09
CA GLU C 22 13.11 6.06 -27.98
C GLU C 22 14.45 6.08 -28.73
N ASN C 23 14.43 6.65 -29.93
CA ASN C 23 15.65 6.72 -30.74
C ASN C 23 16.68 7.63 -30.08
N TYR C 24 16.22 8.70 -29.43
CA TYR C 24 17.15 9.51 -28.66
C TYR C 24 17.82 8.67 -27.56
N VAL C 25 17.01 7.98 -26.75
CA VAL C 25 17.53 7.20 -25.64
C VAL C 25 18.60 6.21 -26.11
N GLN C 26 18.28 5.47 -27.16
CA GLN C 26 19.16 4.46 -27.74
C GLN C 26 20.52 5.03 -28.15
N SER C 27 20.52 6.28 -28.60
CA SER C 27 21.74 6.90 -29.10
C SER C 27 22.26 8.00 -28.16
N SER C 28 21.84 7.95 -26.90
CA SER C 28 22.17 9.00 -25.94
C SER C 28 23.62 9.02 -25.48
N GLY C 29 24.34 7.91 -25.70
CA GLY C 29 25.74 7.82 -25.26
C GLY C 29 25.88 7.06 -23.96
N LEU C 30 24.77 6.80 -23.27
CA LEU C 30 24.82 5.91 -22.12
C LEU C 30 25.28 4.52 -22.56
N GLU C 31 26.08 3.87 -21.71
CA GLU C 31 26.49 2.50 -21.96
C GLU C 31 25.27 1.64 -22.15
N HIS C 32 25.28 0.78 -23.17
CA HIS C 32 24.08 -0.01 -23.44
C HIS C 32 23.67 -0.89 -22.26
N ARG C 33 24.63 -1.35 -21.48
CA ARG C 33 24.34 -2.11 -20.26
C ARG C 33 23.38 -1.35 -19.34
N PHE C 34 23.61 -0.04 -19.20
CA PHE C 34 22.78 0.78 -18.31
C PHE C 34 21.39 1.00 -18.92
N ILE C 35 21.34 1.17 -20.24
CA ILE C 35 20.05 1.28 -20.93
C ILE C 35 19.23 0.01 -20.75
N HIS C 36 19.87 -1.15 -20.94
CA HIS C 36 19.18 -2.43 -20.76
C HIS C 36 18.66 -2.57 -19.34
N LEU C 37 19.49 -2.19 -18.38
CA LEU C 37 19.13 -2.29 -16.97
C LEU C 37 17.90 -1.43 -16.65
N ILE C 38 17.93 -0.19 -17.13
CA ILE C 38 16.82 0.73 -16.89
C ILE C 38 15.52 0.17 -17.46
N LYS C 39 15.59 -0.26 -18.72
CA LYS C 39 14.41 -0.76 -19.42
C LYS C 39 13.87 -2.05 -18.79
N LEU C 40 14.77 -2.97 -18.45
CA LEU C 40 14.33 -4.26 -17.88
C LEU C 40 13.73 -4.06 -16.48
N ARG C 41 14.44 -3.37 -15.61
CA ARG C 41 13.97 -3.16 -14.24
C ARG C 41 12.62 -2.43 -14.18
N ALA C 42 12.51 -1.32 -14.91
CA ALA C 42 11.26 -0.54 -14.89
C ALA C 42 10.11 -1.40 -15.41
N SER C 43 10.38 -2.18 -16.45
CA SER C 43 9.35 -3.01 -17.03
C SER C 43 8.86 -4.08 -16.04
N ILE C 44 9.78 -4.64 -15.26
CA ILE C 44 9.41 -5.62 -14.22
C ILE C 44 8.53 -4.93 -13.17
N ILE C 45 8.96 -3.79 -12.67
CA ILE C 45 8.19 -3.05 -11.68
C ILE C 45 6.77 -2.78 -12.18
N ASN C 46 6.66 -2.36 -13.44
CA ASN C 46 5.38 -1.97 -14.02
C ASN C 46 4.50 -3.13 -14.51
N GLY C 47 4.99 -4.37 -14.37
CA GLY C 47 4.23 -5.57 -14.75
C GLY C 47 4.11 -5.77 -16.26
N CYS C 48 5.04 -5.17 -17.02
CA CYS C 48 4.90 -5.16 -18.47
C CYS C 48 5.61 -6.36 -19.11
N ALA C 49 4.86 -7.44 -19.35
CA ALA C 49 5.41 -8.65 -19.99
C ALA C 49 5.90 -8.35 -21.41
N PHE C 50 5.17 -7.51 -22.13
CA PHE C 50 5.57 -7.17 -23.49
C PHE C 50 6.99 -6.58 -23.51
N CYS C 51 7.25 -5.62 -22.63
CA CYS C 51 8.57 -5.01 -22.56
C CYS C 51 9.64 -5.88 -21.91
N VAL C 52 9.29 -6.60 -20.84
CA VAL C 52 10.22 -7.56 -20.24
C VAL C 52 10.71 -8.55 -21.30
N ASP C 53 9.79 -9.15 -22.06
CA ASP C 53 10.20 -10.13 -23.06
C ASP C 53 11.23 -9.53 -24.02
N MET C 54 10.91 -8.32 -24.51
CA MET C 54 11.77 -7.58 -25.45
C MET C 54 13.14 -7.30 -24.85
N HIS C 55 13.16 -6.78 -23.63
CA HIS C 55 14.40 -6.31 -23.04
C HIS C 55 15.29 -7.43 -22.52
N VAL C 56 14.68 -8.55 -22.15
CA VAL C 56 15.41 -9.80 -21.88
C VAL C 56 16.19 -10.19 -23.14
N LYS C 57 15.48 -10.24 -24.26
CA LYS C 57 16.10 -10.60 -25.55
C LYS C 57 17.21 -9.65 -25.99
N GLU C 58 16.97 -8.35 -25.87
CA GLU C 58 18.00 -7.35 -26.19
C GLU C 58 19.22 -7.49 -25.28
N SER C 59 19.00 -7.72 -23.98
CA SER C 59 20.10 -7.87 -23.05
C SER C 59 20.94 -9.10 -23.39
N ARG C 60 20.26 -10.19 -23.74
CA ARG C 60 20.96 -11.43 -24.11
C ARG C 60 21.78 -11.18 -25.38
N HIS C 61 21.19 -10.49 -26.36
CA HIS C 61 21.90 -10.21 -27.60
C HIS C 61 23.19 -9.41 -27.33
N ASP C 62 23.13 -8.48 -26.39
CA ASP C 62 24.28 -7.65 -26.02
C ASP C 62 25.22 -8.31 -25.00
N GLY C 63 24.99 -9.59 -24.73
CA GLY C 63 25.95 -10.41 -23.99
C GLY C 63 25.85 -10.38 -22.48
N LEU C 64 24.78 -9.79 -21.96
CA LEU C 64 24.57 -9.84 -20.51
C LEU C 64 24.23 -11.26 -20.06
N SER C 65 24.70 -11.64 -18.87
CA SER C 65 24.58 -13.02 -18.40
C SER C 65 23.13 -13.34 -18.06
N GLU C 66 22.78 -14.62 -18.11
CA GLU C 66 21.43 -15.03 -17.70
C GLU C 66 21.16 -14.65 -16.25
N GLN C 67 22.17 -14.74 -15.39
CA GLN C 67 22.01 -14.35 -13.98
C GLN C 67 21.67 -12.86 -13.83
N TRP C 68 22.38 -12.00 -14.56
CA TRP C 68 22.12 -10.57 -14.54
C TRP C 68 20.70 -10.27 -15.00
N ILE C 69 20.26 -11.02 -16.01
CA ILE C 69 18.90 -10.85 -16.53
C ILE C 69 17.86 -11.38 -15.53
N ASN C 70 18.07 -12.62 -15.05
CA ASN C 70 17.04 -13.32 -14.27
C ASN C 70 16.84 -12.71 -12.88
N LEU C 71 17.90 -12.13 -12.33
CA LEU C 71 17.85 -11.59 -10.98
C LEU C 71 17.39 -10.12 -10.89
N MET C 72 17.05 -9.52 -12.01
CA MET C 72 16.72 -8.12 -11.97
C MET C 72 15.44 -7.83 -11.19
N SER C 73 14.61 -8.85 -11.10
CA SER C 73 13.32 -8.74 -10.43
C SER C 73 13.50 -8.65 -8.92
N VAL C 74 14.67 -9.05 -8.46
CA VAL C 74 14.98 -9.17 -7.04
C VAL C 74 16.36 -8.64 -6.69
N TRP C 75 16.74 -7.57 -7.37
CA TRP C 75 18.12 -7.11 -7.38
C TRP C 75 18.68 -6.75 -6.00
N ARG C 76 17.83 -6.26 -5.11
CA ARG C 76 18.31 -5.72 -3.83
C ARG C 76 19.09 -6.78 -3.07
N GLU C 77 18.67 -8.04 -3.22
CA GLU C 77 19.27 -9.14 -2.47
C GLU C 77 20.28 -9.95 -3.28
N SER C 78 20.59 -9.50 -4.51
CA SER C 78 21.49 -10.26 -5.39
C SER C 78 22.89 -9.65 -5.45
N PRO C 79 23.94 -10.45 -5.16
CA PRO C 79 25.32 -9.97 -5.31
C PRO C 79 25.84 -9.86 -6.77
N VAL C 80 25.01 -10.14 -7.77
CA VAL C 80 25.52 -10.04 -9.15
C VAL C 80 25.80 -8.59 -9.57
N TYR C 81 25.03 -7.64 -9.05
CA TYR C 81 25.13 -6.25 -9.48
C TYR C 81 26.28 -5.49 -8.82
N THR C 82 26.97 -4.69 -9.63
CA THR C 82 28.06 -3.84 -9.14
C THR C 82 27.52 -2.69 -8.31
N GLU C 83 28.36 -2.04 -7.52
CA GLU C 83 27.87 -0.92 -6.72
C GLU C 83 27.27 0.18 -7.61
N GLN C 84 27.88 0.40 -8.77
CA GLN C 84 27.39 1.38 -9.73
C GLN C 84 26.00 0.98 -10.24
N GLU C 85 25.86 -0.28 -10.62
CA GLU C 85 24.54 -0.80 -11.01
C GLU C 85 23.50 -0.67 -9.88
N ARG C 86 23.91 -0.97 -8.65
CA ARG C 86 22.99 -0.81 -7.49
C ARG C 86 22.53 0.64 -7.30
N ALA C 87 23.44 1.59 -7.50
CA ALA C 87 23.12 3.01 -7.44
C ALA C 87 22.06 3.33 -8.49
N LEU C 88 22.29 2.84 -9.70
CA LEU C 88 21.36 3.06 -10.79
C LEU C 88 20.01 2.41 -10.50
N LEU C 89 20.06 1.16 -10.05
CA LEU C 89 18.81 0.43 -9.73
C LEU C 89 17.98 1.14 -8.67
N GLY C 90 18.63 1.68 -7.64
CA GLY C 90 17.88 2.39 -6.59
C GLY C 90 17.12 3.57 -7.20
N TRP C 91 17.74 4.24 -8.17
CA TRP C 91 17.16 5.41 -8.83
C TRP C 91 16.02 4.98 -9.75
N VAL C 92 16.24 3.94 -10.57
CA VAL C 92 15.17 3.40 -11.41
C VAL C 92 13.96 3.08 -10.57
N ASP C 93 14.17 2.42 -9.42
CA ASP C 93 13.05 2.04 -8.56
C ASP C 93 12.35 3.26 -7.99
N ALA C 94 13.12 4.19 -7.42
CA ALA C 94 12.54 5.39 -6.80
C ALA C 94 11.73 6.22 -7.80
N VAL C 95 12.28 6.37 -9.01
CA VAL C 95 11.68 7.25 -10.01
C VAL C 95 10.52 6.55 -10.71
N THR C 96 10.63 5.25 -10.92
CA THR C 96 9.49 4.51 -11.47
C THR C 96 8.29 4.59 -10.52
N LYS C 97 8.56 4.55 -9.22
CA LYS C 97 7.51 4.66 -8.20
C LYS C 97 7.51 6.07 -7.60
N ILE C 98 7.61 7.09 -8.46
CA ILE C 98 7.75 8.48 -8.01
C ILE C 98 6.61 8.92 -7.05
N ALA C 99 5.40 8.44 -7.29
CA ALA C 99 4.25 8.88 -6.48
C ALA C 99 4.41 8.46 -5.02
N GLU C 100 5.04 7.30 -4.83
CA GLU C 100 5.20 6.68 -3.52
C GLU C 100 6.45 7.18 -2.79
N THR C 101 7.55 7.33 -3.54
CA THR C 101 8.86 7.65 -2.95
C THR C 101 9.21 9.15 -2.95
N GLY C 102 8.71 9.87 -3.95
CA GLY C 102 9.09 11.26 -4.16
C GLY C 102 10.55 11.52 -4.50
N ALA C 103 11.26 10.47 -4.92
CA ALA C 103 12.73 10.52 -5.29
C ALA C 103 13.67 11.06 -4.19
N PRO C 104 13.87 10.27 -3.13
CA PRO C 104 14.58 10.72 -1.92
C PRO C 104 16.03 11.17 -2.12
N ASP C 105 16.47 12.07 -1.24
CA ASP C 105 17.84 12.52 -1.20
C ASP C 105 18.87 11.39 -1.24
N ASP C 106 18.64 10.35 -0.46
CA ASP C 106 19.61 9.27 -0.35
C ASP C 106 19.84 8.54 -1.69
N ALA C 107 18.75 8.24 -2.40
CA ALA C 107 18.83 7.64 -3.73
C ALA C 107 19.56 8.54 -4.72
N PHE C 108 19.28 9.84 -4.68
CA PHE C 108 19.92 10.80 -5.59
C PHE C 108 21.41 10.93 -5.32
N GLU C 109 21.77 11.05 -4.04
CA GLU C 109 23.18 11.19 -3.65
C GLU C 109 23.98 9.94 -4.01
N THR C 110 23.38 8.77 -3.80
CA THR C 110 24.02 7.51 -4.16
C THR C 110 24.27 7.47 -5.67
N LEU C 111 23.28 7.91 -6.45
CA LEU C 111 23.43 7.99 -7.90
C LEU C 111 24.55 8.94 -8.32
N ARG C 112 24.57 10.12 -7.70
CA ARG C 112 25.60 11.14 -7.95
C ARG C 112 27.04 10.66 -7.70
N ALA C 113 27.19 9.69 -6.79
CA ALA C 113 28.50 9.14 -6.47
C ALA C 113 29.08 8.33 -7.64
N HIS C 114 28.20 7.88 -8.54
CA HIS C 114 28.57 6.95 -9.62
C HIS C 114 28.38 7.47 -11.04
N PHE C 115 27.68 8.59 -11.17
CA PHE C 115 27.34 9.17 -12.47
C PHE C 115 27.45 10.68 -12.45
N SER C 116 27.84 11.25 -13.59
CA SER C 116 27.89 12.71 -13.76
C SER C 116 26.47 13.26 -13.88
N ASP C 117 26.32 14.56 -13.65
CA ASP C 117 25.01 15.20 -13.78
C ASP C 117 24.43 14.99 -15.18
N GLU C 118 25.27 15.13 -16.21
CA GLU C 118 24.85 14.87 -17.58
C GLU C 118 24.27 13.45 -17.73
N GLU C 119 25.04 12.46 -17.27
CA GLU C 119 24.55 11.06 -17.30
C GLU C 119 23.25 10.90 -16.53
N ILE C 120 23.13 11.58 -15.39
CA ILE C 120 21.92 11.47 -14.57
C ILE C 120 20.69 11.98 -15.32
N VAL C 121 20.87 13.06 -16.08
CA VAL C 121 19.77 13.54 -16.95
C VAL C 121 19.39 12.48 -17.99
N LYS C 122 20.37 11.93 -18.70
CA LYS C 122 20.07 10.90 -19.71
C LYS C 122 19.37 9.68 -19.07
N ILE C 123 19.86 9.27 -17.91
CA ILE C 123 19.30 8.16 -17.16
C ILE C 123 17.83 8.43 -16.84
N THR C 124 17.54 9.63 -16.36
CA THR C 124 16.20 9.95 -15.88
C THR C 124 15.21 10.06 -17.04
N VAL C 125 15.67 10.65 -18.14
CA VAL C 125 14.87 10.63 -19.37
C VAL C 125 14.58 9.20 -19.83
N ALA C 126 15.60 8.34 -19.78
CA ALA C 126 15.45 6.94 -20.15
C ALA C 126 14.42 6.24 -19.25
N ILE C 127 14.43 6.58 -17.96
CA ILE C 127 13.41 6.05 -17.04
C ILE C 127 12.02 6.51 -17.44
N GLY C 128 11.91 7.80 -17.80
CA GLY C 128 10.62 8.33 -18.29
C GLY C 128 10.16 7.60 -19.54
N ALA C 129 11.08 7.41 -20.48
CA ALA C 129 10.78 6.71 -21.73
C ALA C 129 10.21 5.30 -21.52
N ILE C 130 10.89 4.49 -20.71
CA ILE C 130 10.41 3.13 -20.53
C ILE C 130 9.09 3.14 -19.75
N ASN C 131 8.96 4.07 -18.82
CA ASN C 131 7.69 4.21 -18.12
C ASN C 131 6.52 4.54 -19.06
N THR C 132 6.80 5.28 -20.13
CA THR C 132 5.80 5.53 -21.19
C THR C 132 5.49 4.27 -21.99
N TRP C 133 6.53 3.57 -22.47
CA TRP C 133 6.28 2.30 -23.17
C TRP C 133 5.49 1.28 -22.34
N ASN C 134 5.84 1.15 -21.07
CA ASN C 134 5.14 0.23 -20.18
C ASN C 134 3.66 0.60 -20.07
N ARG C 135 3.38 1.90 -20.01
CA ARG C 135 1.99 2.34 -19.91
C ARG C 135 1.21 2.04 -21.19
N ILE C 136 1.87 2.23 -22.33
CA ILE C 136 1.25 1.92 -23.61
C ILE C 136 1.01 0.42 -23.77
N ALA C 137 2.03 -0.39 -23.48
CA ALA C 137 1.93 -1.84 -23.71
C ALA C 137 0.99 -2.54 -22.75
N VAL C 138 1.09 -2.22 -21.46
CA VAL C 138 0.12 -2.77 -20.48
C VAL C 138 -1.28 -2.19 -20.75
N GLY C 139 -1.34 -0.88 -20.95
CA GLY C 139 -2.61 -0.22 -21.23
C GLY C 139 -3.35 -0.82 -22.42
N PHE C 140 -2.61 -1.22 -23.46
CA PHE C 140 -3.23 -1.74 -24.68
C PHE C 140 -3.13 -3.27 -24.81
N ARG C 141 -2.66 -3.90 -23.74
CA ARG C 141 -2.53 -5.36 -23.65
C ARG C 141 -1.73 -5.93 -24.83
N SER C 142 -0.62 -5.28 -25.13
CA SER C 142 0.26 -5.78 -26.19
C SER C 142 0.77 -7.19 -25.85
N GLN C 143 0.84 -8.04 -26.88
CA GLN C 143 1.18 -9.45 -26.71
C GLN C 143 2.56 -9.74 -27.29
N HIS C 144 3.47 -10.21 -26.44
CA HIS C 144 4.80 -10.52 -26.92
C HIS C 144 4.80 -11.87 -27.64
N PRO C 145 5.77 -12.08 -28.55
CA PRO C 145 5.87 -13.37 -29.23
C PRO C 145 6.24 -14.49 -28.27
N VAL C 146 5.72 -15.69 -28.55
CA VAL C 146 6.10 -16.87 -27.76
C VAL C 146 6.92 -17.83 -28.63
N GLU C 147 8.10 -18.20 -28.14
CA GLU C 147 8.99 -19.11 -28.87
C GLU C 147 8.66 -20.58 -28.64
N LYS D 2 17.24 24.98 -4.13
CA LYS D 2 16.65 23.66 -3.75
C LYS D 2 16.67 22.68 -4.93
N THR D 3 17.00 23.20 -6.11
CA THR D 3 17.10 22.42 -7.35
C THR D 3 18.34 21.52 -7.35
N ARG D 4 18.20 20.27 -7.77
CA ARG D 4 19.32 19.32 -7.78
C ARG D 4 20.22 19.49 -9.01
N ILE D 5 19.59 19.52 -10.18
CA ILE D 5 20.29 19.66 -11.44
C ILE D 5 19.48 20.58 -12.34
N ASN D 6 20.19 21.50 -13.00
CA ASN D 6 19.62 22.27 -14.10
C ASN D 6 19.69 21.37 -15.33
N TYR D 7 18.62 20.60 -15.52
CA TYR D 7 18.65 19.51 -16.50
C TYR D 7 18.68 19.99 -17.95
N ALA D 8 18.02 21.11 -18.23
CA ALA D 8 18.04 21.70 -19.57
C ALA D 8 19.46 22.12 -19.99
N LYS D 9 20.27 22.52 -19.02
CA LYS D 9 21.67 22.90 -19.29
C LYS D 9 22.63 21.69 -19.29
N ALA D 10 22.44 20.75 -18.37
CA ALA D 10 23.33 19.59 -18.25
C ALA D 10 23.28 18.65 -19.46
N SER D 11 22.09 18.44 -20.01
CA SER D 11 21.96 17.68 -21.26
C SER D 11 20.86 18.27 -22.13
N PRO D 12 21.20 19.32 -22.90
CA PRO D 12 20.23 19.99 -23.76
C PRO D 12 19.53 19.01 -24.68
N GLU D 13 20.27 18.09 -25.27
CA GLU D 13 19.64 17.17 -26.22
C GLU D 13 18.60 16.24 -25.58
N ALA D 14 18.86 15.78 -24.36
CA ALA D 14 17.91 14.92 -23.65
C ALA D 14 16.64 15.70 -23.36
N PHE D 15 16.82 16.93 -22.86
CA PHE D 15 15.70 17.84 -22.63
C PHE D 15 14.87 18.06 -23.89
N LYS D 16 15.54 18.34 -25.00
CA LYS D 16 14.85 18.59 -26.27
C LYS D 16 14.09 17.38 -26.77
N ALA D 17 14.60 16.17 -26.50
CA ALA D 17 13.90 14.95 -26.89
C ALA D 17 12.56 14.85 -26.14
N VAL D 18 12.58 15.16 -24.85
CA VAL D 18 11.31 15.15 -24.10
C VAL D 18 10.37 16.25 -24.60
N MET D 19 10.92 17.43 -24.87
CA MET D 19 10.13 18.55 -25.39
C MET D 19 9.50 18.25 -26.76
N ALA D 20 10.19 17.46 -27.57
CA ALA D 20 9.65 17.04 -28.88
C ALA D 20 8.38 16.20 -28.68
N LEU D 21 8.41 15.30 -27.71
CA LEU D 21 7.23 14.51 -27.37
C LEU D 21 6.10 15.42 -26.86
N GLU D 22 6.44 16.36 -26.00
CA GLU D 22 5.49 17.37 -25.52
C GLU D 22 4.84 18.14 -26.66
N ASN D 23 5.67 18.58 -27.62
CA ASN D 23 5.16 19.34 -28.76
C ASN D 23 4.22 18.50 -29.63
N TYR D 24 4.50 17.20 -29.75
CA TYR D 24 3.57 16.31 -30.43
C TYR D 24 2.24 16.30 -29.69
N VAL D 25 2.30 16.09 -28.38
CA VAL D 25 1.07 16.04 -27.59
C VAL D 25 0.21 17.29 -27.87
N GLN D 26 0.84 18.47 -27.78
CA GLN D 26 0.13 19.73 -27.93
C GLN D 26 -0.58 19.84 -29.28
N SER D 27 0.05 19.30 -30.31
CA SER D 27 -0.45 19.38 -31.68
C SER D 27 -1.22 18.13 -32.12
N SER D 28 -1.49 17.23 -31.18
CA SER D 28 -2.02 15.92 -31.53
C SER D 28 -3.44 15.93 -32.10
N GLY D 29 -4.21 16.96 -31.78
CA GLY D 29 -5.61 17.03 -32.19
C GLY D 29 -6.59 16.80 -31.05
N LEU D 30 -6.08 16.33 -29.91
CA LEU D 30 -6.91 16.20 -28.71
C LEU D 30 -7.40 17.58 -28.27
N GLU D 31 -8.65 17.62 -27.79
CA GLU D 31 -9.22 18.86 -27.24
C GLU D 31 -8.29 19.35 -26.13
N HIS D 32 -7.99 20.64 -26.13
CA HIS D 32 -7.07 21.20 -25.14
C HIS D 32 -7.56 20.94 -23.71
N ARG D 33 -8.88 20.96 -23.53
CA ARG D 33 -9.50 20.66 -22.24
C ARG D 33 -9.03 19.28 -21.71
N PHE D 34 -8.96 18.32 -22.61
CA PHE D 34 -8.54 16.95 -22.22
C PHE D 34 -7.05 16.88 -21.94
N ILE D 35 -6.26 17.61 -22.71
CA ILE D 35 -4.83 17.72 -22.44
C ILE D 35 -4.56 18.36 -21.07
N HIS D 36 -5.25 19.46 -20.77
CA HIS D 36 -5.14 20.09 -19.44
C HIS D 36 -5.49 19.10 -18.33
N LEU D 37 -6.58 18.36 -18.53
CA LEU D 37 -7.04 17.40 -17.52
C LEU D 37 -5.98 16.32 -17.29
N ILE D 38 -5.46 15.77 -18.38
CA ILE D 38 -4.46 14.70 -18.26
C ILE D 38 -3.25 15.19 -17.49
N LYS D 39 -2.78 16.38 -17.87
CA LYS D 39 -1.57 16.92 -17.26
C LYS D 39 -1.77 17.27 -15.79
N LEU D 40 -2.86 17.97 -15.49
CA LEU D 40 -3.14 18.35 -14.11
C LEU D 40 -3.36 17.13 -13.20
N ARG D 41 -4.24 16.21 -13.61
CA ARG D 41 -4.53 15.04 -12.76
C ARG D 41 -3.30 14.17 -12.52
N ALA D 42 -2.55 13.84 -13.57
CA ALA D 42 -1.35 13.00 -13.39
C ALA D 42 -0.32 13.66 -12.47
N SER D 43 -0.14 14.97 -12.63
CA SER D 43 0.83 15.72 -11.80
C SER D 43 0.42 15.72 -10.31
N ILE D 44 -0.88 15.79 -10.05
CA ILE D 44 -1.37 15.67 -8.66
C ILE D 44 -1.06 14.29 -8.10
N ILE D 45 -1.41 13.24 -8.84
CA ILE D 45 -1.12 11.89 -8.38
C ILE D 45 0.37 11.73 -8.05
N ASN D 46 1.22 12.26 -8.92
CA ASN D 46 2.66 12.07 -8.78
C ASN D 46 3.33 13.04 -7.82
N GLY D 47 2.56 13.94 -7.23
CA GLY D 47 3.12 14.86 -6.23
C GLY D 47 3.99 15.96 -6.83
N CYS D 48 3.78 16.24 -8.11
CA CYS D 48 4.67 17.17 -8.81
C CYS D 48 4.13 18.59 -8.74
N ALA D 49 4.59 19.33 -7.73
CA ALA D 49 4.17 20.74 -7.58
C ALA D 49 4.62 21.61 -8.75
N PHE D 50 5.81 21.36 -9.27
CA PHE D 50 6.29 22.12 -10.43
C PHE D 50 5.27 22.06 -11.58
N CYS D 51 4.81 20.85 -11.89
CA CYS D 51 3.87 20.66 -13.00
C CYS D 51 2.45 21.09 -12.63
N VAL D 52 2.04 20.83 -11.41
CA VAL D 52 0.69 21.27 -10.98
C VAL D 52 0.58 22.79 -11.11
N ASP D 53 1.60 23.51 -10.64
CA ASP D 53 1.57 24.97 -10.71
C ASP D 53 1.38 25.41 -12.15
N MET D 54 2.17 24.82 -13.06
CA MET D 54 2.14 25.17 -14.47
C MET D 54 0.79 24.87 -15.09
N HIS D 55 0.25 23.69 -14.80
CA HIS D 55 -0.96 23.25 -15.46
C HIS D 55 -2.23 23.87 -14.89
N VAL D 56 -2.18 24.26 -13.63
CA VAL D 56 -3.24 25.10 -13.06
C VAL D 56 -3.30 26.42 -13.82
N LYS D 57 -2.13 27.03 -14.02
CA LYS D 57 -2.08 28.33 -14.71
C LYS D 57 -2.55 28.20 -16.15
N GLU D 58 -2.15 27.13 -16.81
CA GLU D 58 -2.54 26.92 -18.21
C GLU D 58 -4.04 26.66 -18.35
N SER D 59 -4.59 25.88 -17.43
CA SER D 59 -6.02 25.59 -17.42
C SER D 59 -6.84 26.88 -17.22
N ARG D 60 -6.38 27.72 -16.28
CA ARG D 60 -7.06 28.96 -15.96
C ARG D 60 -7.05 29.89 -17.18
N HIS D 61 -5.89 29.98 -17.83
CA HIS D 61 -5.74 30.82 -19.04
C HIS D 61 -6.70 30.41 -20.15
N ASP D 62 -7.02 29.12 -20.24
CA ASP D 62 -7.94 28.60 -21.25
C ASP D 62 -9.41 28.60 -20.80
N GLY D 63 -9.70 29.22 -19.66
CA GLY D 63 -11.07 29.44 -19.20
C GLY D 63 -11.73 28.32 -18.43
N LEU D 64 -10.95 27.32 -18.02
CA LEU D 64 -11.48 26.31 -17.13
C LEU D 64 -11.78 26.91 -15.75
N SER D 65 -12.90 26.49 -15.15
CA SER D 65 -13.35 27.08 -13.89
C SER D 65 -12.43 26.76 -12.72
N GLU D 66 -12.48 27.60 -11.68
CA GLU D 66 -11.70 27.28 -10.48
C GLU D 66 -12.14 25.98 -9.83
N GLN D 67 -13.44 25.64 -9.88
CA GLN D 67 -13.87 24.34 -9.33
C GLN D 67 -13.29 23.16 -10.11
N TRP D 68 -13.37 23.25 -11.43
CA TRP D 68 -12.78 22.22 -12.30
C TRP D 68 -11.30 22.02 -11.94
N ILE D 69 -10.59 23.13 -11.73
CA ILE D 69 -9.17 23.06 -11.35
C ILE D 69 -8.97 22.50 -9.94
N ASN D 70 -9.69 23.07 -8.96
CA ASN D 70 -9.46 22.70 -7.56
C ASN D 70 -9.92 21.34 -7.15
N LEU D 71 -10.97 20.84 -7.81
CA LEU D 71 -11.54 19.55 -7.43
C LEU D 71 -10.85 18.37 -8.11
N MET D 72 -9.85 18.67 -8.94
CA MET D 72 -9.20 17.61 -9.72
C MET D 72 -8.48 16.61 -8.81
N SER D 73 -8.02 17.07 -7.65
CA SER D 73 -7.36 16.17 -6.68
C SER D 73 -8.31 15.15 -6.05
N VAL D 74 -9.62 15.41 -6.17
CA VAL D 74 -10.63 14.59 -5.49
C VAL D 74 -11.84 14.34 -6.42
N TRP D 75 -11.52 14.11 -7.70
CA TRP D 75 -12.55 14.12 -8.75
C TRP D 75 -13.64 13.08 -8.60
N ARG D 76 -13.30 11.94 -8.00
CA ARG D 76 -14.25 10.82 -7.96
C ARG D 76 -15.55 11.22 -7.28
N GLU D 77 -15.43 12.10 -6.28
CA GLU D 77 -16.60 12.50 -5.48
C GLU D 77 -17.19 13.87 -5.88
N SER D 78 -16.71 14.44 -6.99
CA SER D 78 -17.17 15.77 -7.43
C SER D 78 -18.13 15.72 -8.61
N PRO D 79 -19.32 16.36 -8.47
CA PRO D 79 -20.23 16.42 -9.62
C PRO D 79 -19.85 17.40 -10.73
N VAL D 80 -18.70 18.06 -10.60
CA VAL D 80 -18.20 19.01 -11.61
C VAL D 80 -17.98 18.38 -12.99
N TYR D 81 -17.43 17.16 -12.99
CA TYR D 81 -16.93 16.57 -14.24
C TYR D 81 -18.01 15.88 -15.04
N THR D 82 -17.92 16.02 -16.36
CA THR D 82 -18.87 15.34 -17.26
C THR D 82 -18.60 13.83 -17.28
N GLU D 83 -19.53 13.05 -17.80
CA GLU D 83 -19.31 11.62 -17.93
C GLU D 83 -18.07 11.30 -18.75
N GLN D 84 -17.84 12.07 -19.83
CA GLN D 84 -16.66 11.84 -20.65
C GLN D 84 -15.39 12.18 -19.88
N GLU D 85 -15.41 13.29 -19.15
CA GLU D 85 -14.28 13.66 -18.31
C GLU D 85 -13.98 12.58 -17.26
N ARG D 86 -15.04 12.02 -16.66
CA ARG D 86 -14.86 10.94 -15.68
C ARG D 86 -14.24 9.69 -16.31
N ALA D 87 -14.65 9.37 -17.53
CA ALA D 87 -14.08 8.25 -18.27
C ALA D 87 -12.57 8.46 -18.47
N LEU D 88 -12.22 9.65 -18.92
CA LEU D 88 -10.82 10.04 -19.07
C LEU D 88 -10.05 10.00 -17.75
N LEU D 89 -10.60 10.60 -16.69
CA LEU D 89 -9.92 10.63 -15.41
C LEU D 89 -9.66 9.22 -14.85
N GLY D 90 -10.63 8.33 -15.00
CA GLY D 90 -10.42 6.94 -14.59
C GLY D 90 -9.21 6.31 -15.26
N TRP D 91 -9.03 6.60 -16.55
CA TRP D 91 -7.89 6.09 -17.31
C TRP D 91 -6.58 6.76 -16.87
N VAL D 92 -6.62 8.09 -16.72
CA VAL D 92 -5.45 8.80 -16.24
C VAL D 92 -4.98 8.20 -14.91
N ASP D 93 -5.91 7.96 -13.99
CA ASP D 93 -5.54 7.38 -12.71
C ASP D 93 -4.96 5.97 -12.87
N ALA D 94 -5.63 5.13 -13.64
CA ALA D 94 -5.22 3.72 -13.76
C ALA D 94 -3.85 3.62 -14.40
N VAL D 95 -3.63 4.44 -15.42
CA VAL D 95 -2.38 4.38 -16.20
C VAL D 95 -1.23 5.06 -15.47
N THR D 96 -1.51 6.18 -14.78
CA THR D 96 -0.49 6.79 -13.95
C THR D 96 0.01 5.82 -12.87
N LYS D 97 -0.93 5.07 -12.29
CA LYS D 97 -0.58 4.05 -11.28
C LYS D 97 -0.54 2.66 -11.89
N ILE D 98 0.09 2.54 -13.05
CA ILE D 98 0.06 1.27 -13.80
C ILE D 98 0.57 0.06 -13.02
N ALA D 99 1.58 0.26 -12.17
CA ALA D 99 2.20 -0.86 -11.45
C ALA D 99 1.23 -1.47 -10.45
N GLU D 100 0.33 -0.63 -9.93
CA GLU D 100 -0.68 -1.04 -8.95
C GLU D 100 -1.93 -1.60 -9.62
N THR D 101 -2.40 -0.92 -10.66
CA THR D 101 -3.71 -1.24 -11.22
C THR D 101 -3.66 -2.25 -12.35
N GLY D 102 -2.58 -2.24 -13.12
CA GLY D 102 -2.53 -3.04 -14.37
C GLY D 102 -3.46 -2.59 -15.49
N ALA D 103 -4.03 -1.39 -15.38
CA ALA D 103 -5.01 -0.84 -16.37
C ALA D 103 -6.24 -1.74 -16.63
N PRO D 104 -7.18 -1.77 -15.66
CA PRO D 104 -8.27 -2.74 -15.70
C PRO D 104 -9.24 -2.61 -16.86
N ASP D 105 -9.87 -3.73 -17.19
CA ASP D 105 -10.89 -3.81 -18.24
C ASP D 105 -11.99 -2.78 -18.06
N ASP D 106 -12.46 -2.60 -16.83
CA ASP D 106 -13.55 -1.66 -16.60
C ASP D 106 -13.18 -0.24 -16.97
N ALA D 107 -11.98 0.20 -16.56
CA ALA D 107 -11.53 1.56 -16.90
C ALA D 107 -11.36 1.73 -18.41
N PHE D 108 -10.83 0.70 -19.07
CA PHE D 108 -10.64 0.78 -20.51
C PHE D 108 -11.99 0.80 -21.25
N GLU D 109 -12.93 -0.04 -20.83
CA GLU D 109 -14.25 -0.12 -21.48
C GLU D 109 -14.97 1.23 -21.37
N THR D 110 -14.87 1.85 -20.20
CA THR D 110 -15.53 3.13 -19.98
C THR D 110 -14.91 4.20 -20.89
N LEU D 111 -13.60 4.15 -21.04
CA LEU D 111 -12.90 5.09 -21.93
C LEU D 111 -13.33 4.88 -23.38
N ARG D 112 -13.41 3.61 -23.79
CA ARG D 112 -13.82 3.23 -25.14
C ARG D 112 -15.23 3.71 -25.50
N ALA D 113 -16.09 3.86 -24.50
CA ALA D 113 -17.45 4.36 -24.76
C ALA D 113 -17.44 5.77 -25.36
N HIS D 114 -16.40 6.55 -25.02
CA HIS D 114 -16.33 7.98 -25.35
C HIS D 114 -15.27 8.36 -26.38
N PHE D 115 -14.29 7.48 -26.60
CA PHE D 115 -13.16 7.85 -27.44
C PHE D 115 -12.84 6.77 -28.47
N SER D 116 -12.39 7.19 -29.65
CA SER D 116 -11.90 6.27 -30.68
C SER D 116 -10.55 5.71 -30.22
N ASP D 117 -10.10 4.62 -30.85
CA ASP D 117 -8.76 4.09 -30.53
C ASP D 117 -7.68 5.10 -30.87
N GLU D 118 -7.84 5.86 -31.97
CA GLU D 118 -6.84 6.89 -32.29
C GLU D 118 -6.72 7.89 -31.13
N GLU D 119 -7.87 8.31 -30.61
CA GLU D 119 -7.88 9.27 -29.50
C GLU D 119 -7.27 8.65 -28.25
N ILE D 120 -7.55 7.38 -28.03
CA ILE D 120 -7.04 6.67 -26.84
C ILE D 120 -5.50 6.56 -26.91
N VAL D 121 -4.96 6.36 -28.11
CA VAL D 121 -3.51 6.32 -28.24
C VAL D 121 -2.94 7.71 -27.88
N LYS D 122 -3.53 8.77 -28.43
CA LYS D 122 -3.08 10.13 -28.14
C LYS D 122 -3.15 10.41 -26.63
N ILE D 123 -4.28 10.03 -26.02
CA ILE D 123 -4.47 10.21 -24.57
C ILE D 123 -3.39 9.48 -23.78
N THR D 124 -3.11 8.24 -24.18
CA THR D 124 -2.17 7.41 -23.42
C THR D 124 -0.74 7.87 -23.61
N VAL D 125 -0.40 8.32 -24.83
CA VAL D 125 0.89 8.95 -25.04
C VAL D 125 1.00 10.23 -24.18
N ALA D 126 -0.06 11.03 -24.14
CA ALA D 126 -0.09 12.24 -23.29
C ALA D 126 0.14 11.89 -21.82
N ILE D 127 -0.48 10.81 -21.35
CA ILE D 127 -0.29 10.36 -19.96
C ILE D 127 1.18 9.97 -19.75
N GLY D 128 1.76 9.29 -20.74
CA GLY D 128 3.17 8.91 -20.65
C GLY D 128 4.04 10.16 -20.56
N ALA D 129 3.75 11.15 -21.41
CA ALA D 129 4.54 12.37 -21.47
C ALA D 129 4.55 13.11 -20.13
N ILE D 130 3.37 13.24 -19.52
CA ILE D 130 3.31 14.01 -18.26
C ILE D 130 3.96 13.21 -17.13
N ASN D 131 3.79 11.91 -17.18
CA ASN D 131 4.50 11.03 -16.24
C ASN D 131 6.03 11.16 -16.34
N THR D 132 6.54 11.44 -17.54
CA THR D 132 7.97 11.69 -17.73
C THR D 132 8.35 13.03 -17.12
N TRP D 133 7.62 14.09 -17.46
CA TRP D 133 7.92 15.40 -16.88
C TRP D 133 7.85 15.38 -15.35
N ASN D 134 6.85 14.71 -14.80
CA ASN D 134 6.73 14.64 -13.33
C ASN D 134 7.95 13.97 -12.70
N ARG D 135 8.46 12.93 -13.38
CA ARG D 135 9.64 12.22 -12.89
C ARG D 135 10.89 13.10 -12.98
N ILE D 136 11.01 13.86 -14.07
CA ILE D 136 12.14 14.79 -14.22
C ILE D 136 12.07 15.90 -13.18
N ALA D 137 10.89 16.51 -13.05
CA ALA D 137 10.73 17.67 -12.16
C ALA D 137 10.84 17.30 -10.68
N VAL D 138 10.17 16.23 -10.26
CA VAL D 138 10.31 15.80 -8.88
C VAL D 138 11.74 15.26 -8.65
N GLY D 139 12.22 14.45 -9.58
CA GLY D 139 13.55 13.84 -9.48
C GLY D 139 14.64 14.88 -9.31
N PHE D 140 14.50 16.01 -9.99
CA PHE D 140 15.53 17.05 -9.93
C PHE D 140 15.15 18.23 -9.06
N ARG D 141 14.03 18.08 -8.33
CA ARG D 141 13.56 19.11 -7.40
C ARG D 141 13.39 20.48 -8.06
N SER D 142 12.78 20.51 -9.24
CA SER D 142 12.48 21.77 -9.93
C SER D 142 11.54 22.62 -9.07
N GLN D 143 11.80 23.93 -9.05
CA GLN D 143 11.06 24.86 -8.17
C GLN D 143 10.18 25.77 -9.01
N HIS D 144 8.86 25.71 -8.80
CA HIS D 144 7.96 26.60 -9.55
C HIS D 144 8.03 28.02 -9.04
N PRO D 145 7.61 28.99 -9.87
CA PRO D 145 7.61 30.39 -9.43
C PRO D 145 6.55 30.64 -8.36
N VAL D 146 6.87 31.51 -7.42
CA VAL D 146 5.89 31.92 -6.40
C VAL D 146 5.47 33.36 -6.65
N LYS E 2 7.16 6.99 26.40
CA LYS E 2 6.62 8.04 27.31
C LYS E 2 5.74 9.05 26.55
N THR E 3 4.92 9.76 27.32
CA THR E 3 3.90 10.66 26.79
C THR E 3 4.49 11.95 26.21
N ARG E 4 4.01 12.35 25.05
CA ARG E 4 4.48 13.58 24.40
C ARG E 4 3.87 14.82 25.03
N ILE E 5 2.55 14.81 25.17
CA ILE E 5 1.78 15.93 25.72
C ILE E 5 0.65 15.37 26.58
N ASN E 6 0.52 15.92 27.78
CA ASN E 6 -0.69 15.76 28.60
C ASN E 6 -1.72 16.72 28.03
N TYR E 7 -2.49 16.21 27.08
CA TYR E 7 -3.38 17.07 26.30
C TYR E 7 -4.53 17.69 27.09
N ALA E 8 -5.05 16.96 28.08
CA ALA E 8 -6.13 17.48 28.93
C ALA E 8 -5.68 18.69 29.74
N LYS E 9 -4.39 18.71 30.09
CA LYS E 9 -3.79 19.83 30.83
C LYS E 9 -3.37 20.98 29.91
N ALA E 10 -2.86 20.65 28.73
CA ALA E 10 -2.37 21.67 27.79
C ALA E 10 -3.50 22.51 27.19
N SER E 11 -4.62 21.86 26.85
CA SER E 11 -5.80 22.57 26.38
C SER E 11 -7.07 21.91 26.94
N PRO E 12 -7.46 22.27 28.16
CA PRO E 12 -8.69 21.78 28.77
C PRO E 12 -9.93 21.99 27.88
N GLU E 13 -9.98 23.10 27.17
CA GLU E 13 -11.15 23.39 26.32
C GLU E 13 -11.23 22.44 25.12
N ALA E 14 -10.09 22.13 24.50
CA ALA E 14 -10.07 21.19 23.38
C ALA E 14 -10.46 19.79 23.84
N PHE E 15 -9.91 19.36 24.97
CA PHE E 15 -10.25 18.06 25.56
C PHE E 15 -11.76 17.97 25.86
N LYS E 16 -12.29 19.04 26.43
CA LYS E 16 -13.70 19.15 26.75
C LYS E 16 -14.58 19.00 25.51
N ALA E 17 -14.14 19.61 24.41
CA ALA E 17 -14.89 19.53 23.16
C ALA E 17 -14.95 18.12 22.63
N VAL E 18 -13.84 17.39 22.70
CA VAL E 18 -13.85 16.00 22.23
C VAL E 18 -14.71 15.12 23.15
N MET E 19 -14.62 15.37 24.45
CA MET E 19 -15.45 14.63 25.41
C MET E 19 -16.94 14.91 25.19
N ALA E 20 -17.29 16.15 24.83
CA ALA E 20 -18.67 16.46 24.47
C ALA E 20 -19.18 15.54 23.37
N LEU E 21 -18.37 15.32 22.33
CA LEU E 21 -18.77 14.42 21.23
C LEU E 21 -18.91 12.98 21.73
N GLU E 22 -17.95 12.55 22.54
CA GLU E 22 -17.97 11.25 23.18
C GLU E 22 -19.27 11.06 23.98
N ASN E 23 -19.63 12.10 24.73
CA ASN E 23 -20.85 12.10 25.54
C ASN E 23 -22.12 11.98 24.70
N TYR E 24 -22.16 12.65 23.55
CA TYR E 24 -23.28 12.43 22.64
C TYR E 24 -23.36 10.96 22.21
N VAL E 25 -22.24 10.39 21.78
CA VAL E 25 -22.22 9.03 21.27
C VAL E 25 -22.80 8.07 22.32
N GLN E 26 -22.36 8.24 23.56
CA GLN E 26 -22.80 7.39 24.68
C GLN E 26 -24.33 7.43 24.87
N SER E 27 -24.92 8.60 24.68
CA SER E 27 -26.35 8.83 24.92
C SER E 27 -27.18 8.76 23.63
N SER E 28 -26.53 8.43 22.53
CA SER E 28 -27.16 8.49 21.21
C SER E 28 -28.29 7.50 21.01
N GLY E 29 -28.33 6.45 21.84
CA GLY E 29 -29.34 5.41 21.71
C GLY E 29 -28.92 4.19 20.92
N LEU E 30 -27.71 4.22 20.35
CA LEU E 30 -27.15 3.00 19.76
C LEU E 30 -26.95 1.97 20.85
N GLU E 31 -27.26 0.71 20.55
CA GLU E 31 -26.99 -0.39 21.48
C GLU E 31 -25.53 -0.34 21.88
N HIS E 32 -25.24 -0.53 23.18
CA HIS E 32 -23.87 -0.36 23.63
C HIS E 32 -22.90 -1.39 23.05
N ARG E 33 -23.42 -2.57 22.73
CA ARG E 33 -22.65 -3.59 22.04
C ARG E 33 -22.07 -3.07 20.72
N PHE E 34 -22.87 -2.30 19.98
CA PHE E 34 -22.41 -1.70 18.73
C PHE E 34 -21.41 -0.56 18.96
N ILE E 35 -21.61 0.22 20.02
CA ILE E 35 -20.64 1.27 20.36
C ILE E 35 -19.28 0.62 20.72
N HIS E 36 -19.31 -0.42 21.55
CA HIS E 36 -18.07 -1.15 21.89
C HIS E 36 -17.37 -1.69 20.64
N LEU E 37 -18.13 -2.32 19.76
CA LEU E 37 -17.58 -2.86 18.51
C LEU E 37 -16.92 -1.76 17.68
N ILE E 38 -17.63 -0.65 17.52
CA ILE E 38 -17.11 0.48 16.74
C ILE E 38 -15.77 0.97 17.32
N LYS E 39 -15.77 1.23 18.62
CA LYS E 39 -14.59 1.74 19.30
C LYS E 39 -13.42 0.76 19.28
N LEU E 40 -13.69 -0.50 19.57
CA LEU E 40 -12.60 -1.50 19.60
C LEU E 40 -12.01 -1.74 18.19
N ARG E 41 -12.87 -1.98 17.20
CA ARG E 41 -12.37 -2.28 15.86
C ARG E 41 -11.60 -1.12 15.24
N ALA E 42 -12.15 0.11 15.30
CA ALA E 42 -11.44 1.26 14.76
C ALA E 42 -10.09 1.44 15.45
N SER E 43 -10.06 1.27 16.77
CA SER E 43 -8.81 1.44 17.53
C SER E 43 -7.75 0.42 17.10
N ILE E 44 -8.16 -0.82 16.83
CA ILE E 44 -7.24 -1.84 16.33
C ILE E 44 -6.69 -1.40 14.97
N ILE E 45 -7.58 -1.00 14.05
CA ILE E 45 -7.13 -0.58 12.73
C ILE E 45 -6.10 0.53 12.84
N ASN E 46 -6.39 1.49 13.73
CA ASN E 46 -5.56 2.68 13.87
C ASN E 46 -4.30 2.50 14.73
N GLY E 47 -4.12 1.29 15.27
CA GLY E 47 -2.92 0.98 16.07
C GLY E 47 -2.89 1.64 17.43
N CYS E 48 -4.05 2.05 17.92
CA CYS E 48 -4.12 2.80 19.16
C CYS E 48 -4.24 1.87 20.37
N ALA E 49 -3.09 1.56 20.98
CA ALA E 49 -3.07 0.71 22.19
C ALA E 49 -3.81 1.35 23.36
N PHE E 50 -3.69 2.67 23.49
CA PHE E 50 -4.34 3.37 24.59
C PHE E 50 -5.84 3.09 24.54
N CYS E 51 -6.44 3.27 23.36
CA CYS E 51 -7.87 3.03 23.19
C CYS E 51 -8.24 1.56 23.18
N VAL E 52 -7.44 0.71 22.54
CA VAL E 52 -7.74 -0.72 22.59
C VAL E 52 -7.79 -1.21 24.05
N ASP E 53 -6.81 -0.82 24.85
CA ASP E 53 -6.80 -1.23 26.26
C ASP E 53 -8.10 -0.84 26.96
N MET E 54 -8.52 0.40 26.76
CA MET E 54 -9.74 0.93 27.38
C MET E 54 -10.98 0.16 26.88
N HIS E 55 -11.09 -0.04 25.57
CA HIS E 55 -12.32 -0.60 25.03
C HIS E 55 -12.44 -2.09 25.23
N VAL E 56 -11.32 -2.79 25.33
CA VAL E 56 -11.30 -4.19 25.75
C VAL E 56 -11.91 -4.30 27.15
N LYS E 57 -11.42 -3.45 28.06
CA LYS E 57 -11.88 -3.47 29.45
C LYS E 57 -13.36 -3.10 29.56
N GLU E 58 -13.77 -2.06 28.82
CA GLU E 58 -15.18 -1.65 28.77
C GLU E 58 -16.11 -2.75 28.23
N SER E 59 -15.72 -3.39 27.13
CA SER E 59 -16.47 -4.49 26.54
C SER E 59 -16.66 -5.65 27.52
N ARG E 60 -15.57 -5.99 28.21
CA ARG E 60 -15.57 -7.06 29.19
C ARG E 60 -16.55 -6.72 30.31
N HIS E 61 -16.46 -5.49 30.82
CA HIS E 61 -17.33 -5.00 31.89
C HIS E 61 -18.81 -5.15 31.53
N ASP E 62 -19.13 -4.95 30.24
CA ASP E 62 -20.51 -5.05 29.74
C ASP E 62 -20.90 -6.47 29.34
N GLY E 63 -20.05 -7.43 29.68
CA GLY E 63 -20.36 -8.84 29.52
C GLY E 63 -20.22 -9.41 28.12
N LEU E 64 -19.43 -8.75 27.27
CA LEU E 64 -19.11 -9.33 25.96
C LEU E 64 -18.02 -10.38 26.15
N SER E 65 -18.12 -11.46 25.39
CA SER E 65 -17.28 -12.63 25.60
C SER E 65 -15.85 -12.36 25.22
N GLU E 66 -14.92 -13.12 25.83
CA GLU E 66 -13.51 -12.98 25.49
C GLU E 66 -13.23 -13.24 24.01
N GLN E 67 -13.89 -14.23 23.40
CA GLN E 67 -13.72 -14.48 21.96
C GLN E 67 -14.17 -13.30 21.11
N TRP E 68 -15.34 -12.72 21.43
CA TRP E 68 -15.84 -11.54 20.71
C TRP E 68 -14.81 -10.43 20.75
N ILE E 69 -14.17 -10.26 21.90
CA ILE E 69 -13.15 -9.24 22.08
C ILE E 69 -11.85 -9.63 21.35
N ASN E 70 -11.36 -10.84 21.62
CA ASN E 70 -10.04 -11.28 21.15
C ASN E 70 -9.96 -11.40 19.62
N LEU E 71 -11.09 -11.71 18.98
CA LEU E 71 -11.14 -11.98 17.53
C LEU E 71 -11.41 -10.74 16.67
N MET E 72 -11.57 -9.58 17.30
CA MET E 72 -11.98 -8.37 16.58
C MET E 72 -10.91 -7.91 15.59
N SER E 73 -9.66 -8.22 15.90
CA SER E 73 -8.55 -7.87 14.99
C SER E 73 -8.61 -8.65 13.67
N VAL E 74 -9.33 -9.77 13.66
CA VAL E 74 -9.34 -10.68 12.53
C VAL E 74 -10.78 -11.15 12.23
N TRP E 75 -11.72 -10.21 12.35
CA TRP E 75 -13.14 -10.54 12.32
C TRP E 75 -13.63 -11.20 11.02
N ARG E 76 -13.00 -10.87 9.88
CA ARG E 76 -13.53 -11.35 8.59
C ARG E 76 -13.56 -12.86 8.52
N GLU E 77 -12.62 -13.52 9.19
CA GLU E 77 -12.49 -14.97 9.13
C GLU E 77 -13.06 -15.66 10.37
N SER E 78 -13.69 -14.90 11.25
CA SER E 78 -14.22 -15.46 12.51
C SER E 78 -15.73 -15.68 12.46
N PRO E 79 -16.19 -16.90 12.77
CA PRO E 79 -17.64 -17.13 12.84
C PRO E 79 -18.33 -16.58 14.10
N VAL E 80 -17.59 -15.91 14.98
CA VAL E 80 -18.18 -15.36 16.21
C VAL E 80 -19.27 -14.32 15.91
N TYR E 81 -19.01 -13.48 14.90
CA TYR E 81 -19.85 -12.31 14.65
C TYR E 81 -21.13 -12.64 13.89
N THR E 82 -22.21 -12.00 14.31
CA THR E 82 -23.52 -12.13 13.66
C THR E 82 -23.48 -11.42 12.32
N GLU E 83 -24.45 -11.71 11.46
CA GLU E 83 -24.51 -11.05 10.15
C GLU E 83 -24.62 -9.53 10.30
N GLN E 84 -25.40 -9.08 11.28
CA GLN E 84 -25.55 -7.65 11.56
C GLN E 84 -24.21 -7.04 12.01
N GLU E 85 -23.50 -7.74 12.88
CA GLU E 85 -22.17 -7.27 13.33
C GLU E 85 -21.19 -7.20 12.17
N ARG E 86 -21.23 -8.20 11.28
CA ARG E 86 -20.36 -8.21 10.10
C ARG E 86 -20.67 -7.04 9.18
N ALA E 87 -21.94 -6.69 9.05
CA ALA E 87 -22.34 -5.52 8.25
C ALA E 87 -21.77 -4.25 8.85
N LEU E 88 -21.86 -4.13 10.17
CA LEU E 88 -21.31 -2.99 10.90
C LEU E 88 -19.78 -2.95 10.80
N LEU E 89 -19.13 -4.10 11.00
CA LEU E 89 -17.67 -4.17 10.89
C LEU E 89 -17.17 -3.77 9.49
N GLY E 90 -17.86 -4.20 8.44
CA GLY E 90 -17.49 -3.79 7.08
C GLY E 90 -17.50 -2.28 6.92
N TRP E 91 -18.48 -1.63 7.55
CA TRP E 91 -18.61 -0.16 7.50
C TRP E 91 -17.55 0.50 8.36
N VAL E 92 -17.35 -0.03 9.57
CA VAL E 92 -16.26 0.50 10.42
C VAL E 92 -14.93 0.49 9.68
N ASP E 93 -14.63 -0.63 9.00
CA ASP E 93 -13.37 -0.77 8.27
C ASP E 93 -13.28 0.20 7.10
N ALA E 94 -14.32 0.23 6.27
CA ALA E 94 -14.35 1.11 5.09
C ALA E 94 -14.20 2.57 5.50
N VAL E 95 -14.95 2.98 6.52
CA VAL E 95 -14.96 4.38 6.94
C VAL E 95 -13.68 4.77 7.70
N THR E 96 -13.15 3.88 8.53
CA THR E 96 -11.89 4.17 9.19
C THR E 96 -10.78 4.36 8.15
N LYS E 97 -10.84 3.58 7.07
CA LYS E 97 -9.87 3.66 5.97
C LYS E 97 -10.45 4.41 4.77
N ILE E 98 -11.12 5.51 5.04
CA ILE E 98 -11.85 6.27 4.02
C ILE E 98 -10.97 6.67 2.83
N ALA E 99 -9.71 7.01 3.09
CA ALA E 99 -8.83 7.49 2.03
C ALA E 99 -8.54 6.39 1.00
N GLU E 100 -8.53 5.15 1.48
CA GLU E 100 -8.23 3.97 0.67
C GLU E 100 -9.48 3.45 -0.02
N THR E 101 -10.58 3.37 0.73
CA THR E 101 -11.78 2.67 0.25
C THR E 101 -12.81 3.57 -0.43
N GLY E 102 -12.88 4.84 0.00
CA GLY E 102 -13.93 5.75 -0.47
C GLY E 102 -15.35 5.37 -0.10
N ALA E 103 -15.51 4.47 0.87
CA ALA E 103 -16.83 3.97 1.37
C ALA E 103 -17.73 3.41 0.27
N PRO E 104 -17.40 2.20 -0.23
CA PRO E 104 -18.03 1.61 -1.41
C PRO E 104 -19.51 1.30 -1.25
N ASP E 105 -20.22 1.24 -2.38
CA ASP E 105 -21.64 0.93 -2.43
C ASP E 105 -21.98 -0.38 -1.70
N ASP E 106 -21.19 -1.42 -1.95
CA ASP E 106 -21.47 -2.72 -1.33
C ASP E 106 -21.48 -2.66 0.20
N ALA E 107 -20.47 -2.01 0.78
CA ALA E 107 -20.40 -1.86 2.23
C ALA E 107 -21.60 -1.06 2.76
N PHE E 108 -21.99 -0.02 2.02
CA PHE E 108 -23.11 0.81 2.43
C PHE E 108 -24.46 0.07 2.37
N GLU E 109 -24.69 -0.65 1.27
CA GLU E 109 -25.96 -1.37 1.09
C GLU E 109 -26.10 -2.52 2.09
N THR E 110 -24.98 -3.19 2.37
CA THR E 110 -24.95 -4.24 3.39
C THR E 110 -25.33 -3.69 4.76
N LEU E 111 -24.78 -2.52 5.09
CA LEU E 111 -25.12 -1.82 6.33
C LEU E 111 -26.59 -1.43 6.37
N ARG E 112 -27.11 -0.91 5.24
CA ARG E 112 -28.51 -0.51 5.14
C ARG E 112 -29.48 -1.66 5.38
N ALA E 113 -29.03 -2.89 5.09
CA ALA E 113 -29.86 -4.08 5.25
C ALA E 113 -30.12 -4.42 6.72
N HIS E 114 -29.32 -3.84 7.61
CA HIS E 114 -29.36 -4.17 9.04
C HIS E 114 -29.59 -3.00 9.98
N PHE E 115 -29.52 -1.77 9.46
CA PHE E 115 -29.67 -0.58 10.27
C PHE E 115 -30.51 0.46 9.54
N SER E 116 -31.27 1.25 10.31
CA SER E 116 -32.03 2.36 9.75
C SER E 116 -31.08 3.50 9.41
N ASP E 117 -31.54 4.45 8.60
CA ASP E 117 -30.71 5.60 8.25
C ASP E 117 -30.30 6.39 9.49
N GLU E 118 -31.23 6.56 10.44
CA GLU E 118 -30.92 7.25 11.68
C GLU E 118 -29.79 6.55 12.44
N GLU E 119 -29.88 5.23 12.53
CA GLU E 119 -28.84 4.43 13.18
C GLU E 119 -27.51 4.55 12.45
N ILE E 120 -27.57 4.55 11.12
CA ILE E 120 -26.38 4.70 10.27
C ILE E 120 -25.67 6.04 10.52
N VAL E 121 -26.45 7.11 10.67
CA VAL E 121 -25.85 8.41 10.97
C VAL E 121 -25.13 8.36 12.33
N LYS E 122 -25.81 7.82 13.35
CA LYS E 122 -25.20 7.67 14.67
C LYS E 122 -23.94 6.81 14.64
N ILE E 123 -24.00 5.71 13.90
CA ILE E 123 -22.85 4.80 13.71
C ILE E 123 -21.66 5.55 13.11
N THR E 124 -21.95 6.33 12.08
CA THR E 124 -20.88 7.01 11.33
C THR E 124 -20.26 8.15 12.15
N VAL E 125 -21.08 8.86 12.93
CA VAL E 125 -20.56 9.84 13.87
C VAL E 125 -19.68 9.18 14.95
N ALA E 126 -20.11 8.01 15.43
CA ALA E 126 -19.33 7.22 16.39
C ALA E 126 -18.00 6.82 15.79
N ILE E 127 -18.00 6.38 14.53
CA ILE E 127 -16.73 6.06 13.85
C ILE E 127 -15.84 7.29 13.78
N GLY E 128 -16.42 8.44 13.46
CA GLY E 128 -15.65 9.68 13.47
C GLY E 128 -15.02 9.95 14.83
N ALA E 129 -15.84 9.85 15.86
CA ALA E 129 -15.40 10.13 17.23
C ALA E 129 -14.20 9.29 17.65
N ILE E 130 -14.28 7.97 17.46
CA ILE E 130 -13.16 7.12 17.85
C ILE E 130 -11.93 7.38 16.98
N ASN E 131 -12.15 7.68 15.70
CA ASN E 131 -11.03 8.08 14.84
C ASN E 131 -10.31 9.34 15.34
N THR E 132 -11.07 10.24 15.97
CA THR E 132 -10.46 11.40 16.62
C THR E 132 -9.67 11.02 17.87
N TRP E 133 -10.28 10.26 18.78
CA TRP E 133 -9.56 9.78 19.98
C TRP E 133 -8.26 9.03 19.63
N ASN E 134 -8.34 8.15 18.62
CA ASN E 134 -7.17 7.39 18.21
C ASN E 134 -6.05 8.32 17.73
N ARG E 135 -6.44 9.38 17.00
CA ARG E 135 -5.43 10.31 16.50
C ARG E 135 -4.78 11.12 17.63
N ILE E 136 -5.56 11.49 18.62
CA ILE E 136 -5.04 12.20 19.79
C ILE E 136 -4.13 11.30 20.61
N ALA E 137 -4.60 10.10 20.91
CA ALA E 137 -3.84 9.17 21.77
C ALA E 137 -2.54 8.69 21.12
N VAL E 138 -2.60 8.25 19.87
CA VAL E 138 -1.37 7.86 19.17
C VAL E 138 -0.51 9.11 18.94
N GLY E 139 -1.13 10.21 18.54
CA GLY E 139 -0.44 11.46 18.26
C GLY E 139 0.39 11.95 19.44
N PHE E 140 -0.15 11.79 20.64
CA PHE E 140 0.52 12.28 21.86
C PHE E 140 1.14 11.17 22.69
N ARG E 141 1.17 9.96 22.13
CA ARG E 141 1.78 8.80 22.77
C ARG E 141 1.24 8.57 24.18
N SER E 142 -0.08 8.66 24.33
CA SER E 142 -0.73 8.35 25.61
C SER E 142 -0.45 6.91 26.01
N GLN E 143 -0.17 6.72 27.30
CA GLN E 143 0.23 5.42 27.84
C GLN E 143 -0.88 4.83 28.69
N HIS E 144 -1.38 3.66 28.29
CA HIS E 144 -2.44 2.99 29.06
C HIS E 144 -1.86 2.35 30.33
N PRO E 145 -2.70 2.14 31.35
CA PRO E 145 -2.18 1.52 32.59
C PRO E 145 -1.77 0.07 32.35
N VAL E 146 -0.74 -0.37 33.06
CA VAL E 146 -0.31 -1.78 33.03
C VAL E 146 -0.53 -2.47 34.37
N LYS F 2 -25.32 11.15 -6.64
CA LYS F 2 -26.54 11.06 -5.79
C LYS F 2 -26.21 10.82 -4.30
N THR F 3 -26.85 11.61 -3.45
CA THR F 3 -26.67 11.55 -1.99
C THR F 3 -27.29 10.27 -1.43
N ARG F 4 -26.58 9.62 -0.50
CA ARG F 4 -27.09 8.41 0.15
C ARG F 4 -28.09 8.71 1.26
N ILE F 5 -27.72 9.62 2.16
CA ILE F 5 -28.53 9.98 3.32
C ILE F 5 -28.41 11.47 3.61
N ASN F 6 -29.55 12.11 3.86
CA ASN F 6 -29.58 13.47 4.38
C ASN F 6 -29.39 13.36 5.89
N TYR F 7 -28.14 13.38 6.32
CA TYR F 7 -27.76 13.09 7.69
C TYR F 7 -28.26 14.11 8.71
N ALA F 8 -28.33 15.38 8.30
CA ALA F 8 -28.90 16.44 9.14
C ALA F 8 -30.39 16.18 9.46
N LYS F 9 -31.09 15.56 8.52
CA LYS F 9 -32.50 15.20 8.69
C LYS F 9 -32.66 13.87 9.40
N ALA F 10 -31.84 12.89 9.03
CA ALA F 10 -31.94 11.54 9.59
C ALA F 10 -31.66 11.49 11.09
N SER F 11 -30.66 12.26 11.53
CA SER F 11 -30.35 12.38 12.96
C SER F 11 -29.90 13.78 13.34
N PRO F 12 -30.87 14.68 13.58
CA PRO F 12 -30.56 16.06 13.94
C PRO F 12 -29.60 16.17 15.12
N GLU F 13 -29.77 15.34 16.15
CA GLU F 13 -28.92 15.40 17.34
C GLU F 13 -27.46 15.04 17.06
N ALA F 14 -27.24 14.00 16.26
CA ALA F 14 -25.88 13.62 15.84
C ALA F 14 -25.21 14.75 15.05
N PHE F 15 -25.96 15.32 14.11
CA PHE F 15 -25.51 16.48 13.33
C PHE F 15 -25.10 17.63 14.25
N LYS F 16 -25.95 17.94 15.22
CA LYS F 16 -25.67 19.01 16.19
C LYS F 16 -24.40 18.77 16.99
N ALA F 17 -24.16 17.51 17.37
CA ALA F 17 -22.98 17.15 18.14
C ALA F 17 -21.69 17.41 17.35
N VAL F 18 -21.69 17.04 16.07
CA VAL F 18 -20.53 17.32 15.20
C VAL F 18 -20.39 18.83 14.99
N MET F 19 -21.51 19.53 14.82
CA MET F 19 -21.48 21.00 14.70
C MET F 19 -20.92 21.69 15.95
N ALA F 20 -21.18 21.12 17.13
CA ALA F 20 -20.61 21.66 18.36
C ALA F 20 -19.07 21.56 18.37
N LEU F 21 -18.53 20.42 17.91
CA LEU F 21 -17.09 20.25 17.83
C LEU F 21 -16.50 21.25 16.84
N GLU F 22 -17.17 21.39 15.70
CA GLU F 22 -16.81 22.36 14.67
C GLU F 22 -16.76 23.78 15.23
N ASN F 23 -17.77 24.12 16.04
CA ASN F 23 -17.83 25.42 16.68
C ASN F 23 -16.64 25.63 17.60
N TYR F 24 -16.28 24.59 18.36
CA TYR F 24 -15.08 24.68 19.17
C TYR F 24 -13.83 24.99 18.33
N VAL F 25 -13.62 24.23 17.26
CA VAL F 25 -12.45 24.43 16.41
C VAL F 25 -12.41 25.87 15.89
N GLN F 26 -13.54 26.37 15.40
CA GLN F 26 -13.60 27.74 14.83
C GLN F 26 -13.22 28.82 15.83
N SER F 27 -13.57 28.60 17.09
CA SER F 27 -13.38 29.61 18.13
C SER F 27 -12.18 29.30 19.03
N SER F 28 -11.39 28.30 18.63
CA SER F 28 -10.32 27.77 19.48
C SER F 28 -9.18 28.75 19.76
N GLY F 29 -8.99 29.72 18.86
CA GLY F 29 -7.86 30.65 18.98
C GLY F 29 -6.78 30.45 17.91
N LEU F 30 -6.82 29.32 17.21
CA LEU F 30 -5.87 29.08 16.10
C LEU F 30 -6.08 30.11 15.00
N GLU F 31 -4.98 30.54 14.37
CA GLU F 31 -5.05 31.45 13.22
C GLU F 31 -5.96 30.83 12.18
N HIS F 32 -6.81 31.63 11.56
CA HIS F 32 -7.73 31.15 10.50
C HIS F 32 -6.97 30.38 9.42
N ARG F 33 -5.80 30.90 9.07
CA ARG F 33 -4.97 30.34 8.01
C ARG F 33 -4.61 28.89 8.30
N PHE F 34 -4.34 28.59 9.56
CA PHE F 34 -3.95 27.23 9.93
C PHE F 34 -5.16 26.33 9.96
N ILE F 35 -6.29 26.85 10.41
CA ILE F 35 -7.54 26.11 10.34
C ILE F 35 -7.89 25.73 8.89
N HIS F 36 -7.80 26.69 7.96
CA HIS F 36 -8.09 26.41 6.55
C HIS F 36 -7.13 25.36 6.00
N LEU F 37 -5.85 25.50 6.33
CA LEU F 37 -4.82 24.54 5.87
C LEU F 37 -5.14 23.12 6.35
N ILE F 38 -5.44 22.99 7.63
CA ILE F 38 -5.78 21.68 8.19
C ILE F 38 -6.96 21.07 7.47
N LYS F 39 -8.02 21.87 7.32
CA LYS F 39 -9.25 21.39 6.70
C LYS F 39 -9.04 21.04 5.22
N LEU F 40 -8.36 21.91 4.48
CA LEU F 40 -8.18 21.66 3.05
C LEU F 40 -7.27 20.45 2.80
N ARG F 41 -6.12 20.41 3.47
CA ARG F 41 -5.18 19.31 3.25
C ARG F 41 -5.78 17.94 3.61
N ALA F 42 -6.42 17.85 4.80
CA ALA F 42 -7.02 16.57 5.21
C ALA F 42 -8.10 16.12 4.24
N SER F 43 -8.92 17.07 3.78
CA SER F 43 -9.98 16.75 2.83
C SER F 43 -9.42 16.20 1.50
N ILE F 44 -8.34 16.79 1.02
CA ILE F 44 -7.68 16.27 -0.17
C ILE F 44 -7.18 14.85 0.05
N ILE F 45 -6.46 14.61 1.15
CA ILE F 45 -5.97 13.24 1.43
C ILE F 45 -7.13 12.25 1.45
N ASN F 46 -8.24 12.65 2.09
CA ASN F 46 -9.37 11.76 2.28
C ASN F 46 -10.30 11.60 1.07
N GLY F 47 -10.00 12.30 -0.02
CA GLY F 47 -10.80 12.20 -1.25
C GLY F 47 -12.17 12.88 -1.16
N CYS F 48 -12.31 13.80 -0.22
CA CYS F 48 -13.60 14.42 0.04
C CYS F 48 -13.84 15.68 -0.79
N ALA F 49 -14.52 15.51 -1.91
CA ALA F 49 -14.82 16.62 -2.81
C ALA F 49 -15.76 17.64 -2.14
N PHE F 50 -16.73 17.14 -1.37
CA PHE F 50 -17.66 18.04 -0.69
C PHE F 50 -16.90 19.02 0.22
N CYS F 51 -15.97 18.48 1.01
CA CYS F 51 -15.19 19.34 1.91
C CYS F 51 -14.14 20.17 1.19
N VAL F 52 -13.46 19.59 0.20
CA VAL F 52 -12.50 20.38 -0.58
C VAL F 52 -13.20 21.59 -1.18
N ASP F 53 -14.37 21.38 -1.80
CA ASP F 53 -15.06 22.50 -2.42
C ASP F 53 -15.34 23.59 -1.40
N MET F 54 -15.85 23.17 -0.24
CA MET F 54 -16.21 24.11 0.84
C MET F 54 -14.97 24.85 1.33
N HIS F 55 -13.87 24.13 1.56
CA HIS F 55 -12.70 24.73 2.17
C HIS F 55 -11.86 25.57 1.22
N VAL F 56 -11.91 25.26 -0.08
CA VAL F 56 -11.33 26.14 -1.09
C VAL F 56 -12.05 27.49 -1.05
N LYS F 57 -13.39 27.43 -1.02
CA LYS F 57 -14.21 28.63 -0.99
C LYS F 57 -13.95 29.47 0.27
N GLU F 58 -13.81 28.82 1.43
CA GLU F 58 -13.58 29.53 2.69
C GLU F 58 -12.18 30.16 2.68
N SER F 59 -11.20 29.41 2.17
CA SER F 59 -9.83 29.89 2.06
C SER F 59 -9.78 31.15 1.19
N ARG F 60 -10.49 31.11 0.06
CA ARG F 60 -10.55 32.25 -0.85
C ARG F 60 -11.20 33.46 -0.18
N HIS F 61 -12.29 33.21 0.54
CA HIS F 61 -12.97 34.29 1.26
C HIS F 61 -12.03 34.97 2.23
N ASP F 62 -11.17 34.19 2.89
CA ASP F 62 -10.22 34.73 3.86
C ASP F 62 -8.91 35.23 3.25
N GLY F 63 -8.87 35.33 1.92
CA GLY F 63 -7.76 36.01 1.27
C GLY F 63 -6.54 35.19 0.92
N LEU F 64 -6.62 33.87 1.11
CA LEU F 64 -5.51 32.99 0.73
C LEU F 64 -5.38 32.96 -0.79
N SER F 65 -4.14 32.94 -1.29
CA SER F 65 -3.90 33.06 -2.73
C SER F 65 -4.35 31.80 -3.43
N GLU F 66 -4.62 31.92 -4.74
CA GLU F 66 -5.00 30.75 -5.52
C GLU F 66 -3.86 29.73 -5.52
N GLN F 67 -2.61 30.19 -5.54
CA GLN F 67 -1.48 29.25 -5.51
C GLN F 67 -1.45 28.42 -4.22
N TRP F 68 -1.63 29.09 -3.09
CA TRP F 68 -1.65 28.43 -1.78
C TRP F 68 -2.74 27.36 -1.73
N ILE F 69 -3.90 27.70 -2.31
CA ILE F 69 -5.00 26.76 -2.40
C ILE F 69 -4.71 25.59 -3.37
N ASN F 70 -4.29 25.93 -4.57
CA ASN F 70 -4.14 24.97 -5.66
C ASN F 70 -3.03 23.95 -5.41
N LEU F 71 -1.98 24.38 -4.70
CA LEU F 71 -0.79 23.53 -4.51
C LEU F 71 -0.88 22.63 -3.28
N MET F 72 -2.01 22.73 -2.59
CA MET F 72 -2.13 22.01 -1.32
C MET F 72 -2.10 20.51 -1.51
N SER F 73 -2.57 20.04 -2.67
CA SER F 73 -2.55 18.62 -2.97
C SER F 73 -1.12 18.06 -3.15
N VAL F 74 -0.15 18.95 -3.38
CA VAL F 74 1.22 18.55 -3.71
C VAL F 74 2.26 19.41 -2.94
N TRP F 75 1.90 19.75 -1.70
CA TRP F 75 2.66 20.73 -0.93
C TRP F 75 4.13 20.40 -0.70
N ARG F 76 4.48 19.11 -0.64
CA ARG F 76 5.88 18.73 -0.31
C ARG F 76 6.88 19.34 -1.27
N GLU F 77 6.49 19.46 -2.53
CA GLU F 77 7.39 19.94 -3.56
C GLU F 77 7.17 21.40 -3.92
N SER F 78 6.32 22.11 -3.17
CA SER F 78 5.99 23.49 -3.51
C SER F 78 6.68 24.49 -2.58
N PRO F 79 7.41 25.46 -3.15
CA PRO F 79 7.98 26.56 -2.34
C PRO F 79 6.98 27.59 -1.81
N VAL F 80 5.69 27.42 -2.09
CA VAL F 80 4.69 28.38 -1.59
C VAL F 80 4.62 28.45 -0.06
N TYR F 81 4.78 27.30 0.61
CA TYR F 81 4.48 27.21 2.05
C TYR F 81 5.66 27.59 2.91
N THR F 82 5.37 28.30 3.98
CA THR F 82 6.39 28.71 4.95
C THR F 82 6.90 27.49 5.72
N GLU F 83 8.03 27.62 6.39
CA GLU F 83 8.53 26.51 7.21
C GLU F 83 7.52 26.08 8.27
N GLN F 84 6.84 27.07 8.87
CA GLN F 84 5.80 26.78 9.86
C GLN F 84 4.66 25.99 9.22
N GLU F 85 4.22 26.44 8.05
CA GLU F 85 3.16 25.72 7.32
C GLU F 85 3.58 24.30 6.98
N ARG F 86 4.84 24.13 6.57
CA ARG F 86 5.36 22.79 6.23
C ARG F 86 5.35 21.87 7.44
N ALA F 87 5.69 22.42 8.61
CA ALA F 87 5.66 21.66 9.86
C ALA F 87 4.24 21.18 10.16
N LEU F 88 3.29 22.11 10.01
CA LEU F 88 1.90 21.80 10.21
C LEU F 88 1.43 20.75 9.19
N LEU F 89 1.79 20.94 7.93
CA LEU F 89 1.37 20.00 6.87
C LEU F 89 1.90 18.59 7.10
N GLY F 90 3.16 18.48 7.55
CA GLY F 90 3.74 17.17 7.87
C GLY F 90 2.90 16.45 8.92
N TRP F 91 2.40 17.20 9.90
CA TRP F 91 1.57 16.65 10.98
C TRP F 91 0.15 16.32 10.50
N VAL F 92 -0.45 17.21 9.73
CA VAL F 92 -1.77 16.91 9.14
C VAL F 92 -1.70 15.60 8.36
N ASP F 93 -0.66 15.45 7.54
CA ASP F 93 -0.50 14.24 6.75
C ASP F 93 -0.32 12.99 7.62
N ALA F 94 0.58 13.05 8.60
CA ALA F 94 0.87 11.91 9.45
C ALA F 94 -0.34 11.48 10.27
N VAL F 95 -1.06 12.47 10.79
CA VAL F 95 -2.18 12.21 11.67
C VAL F 95 -3.42 11.79 10.88
N THR F 96 -3.65 12.39 9.71
CA THR F 96 -4.75 11.93 8.86
C THR F 96 -4.55 10.46 8.47
N LYS F 97 -3.30 10.10 8.22
CA LYS F 97 -2.96 8.72 7.86
C LYS F 97 -2.37 7.96 9.05
N ILE F 98 -2.98 8.13 10.22
CA ILE F 98 -2.46 7.58 11.47
C ILE F 98 -2.20 6.07 11.43
N ALA F 99 -3.04 5.33 10.72
CA ALA F 99 -2.92 3.87 10.71
C ALA F 99 -1.64 3.42 10.00
N GLU F 100 -1.22 4.21 9.02
CA GLU F 100 -0.06 3.88 8.21
C GLU F 100 1.22 4.44 8.83
N THR F 101 1.14 5.66 9.38
CA THR F 101 2.35 6.35 9.83
C THR F 101 2.65 6.20 11.31
N GLY F 102 1.59 6.05 12.12
CA GLY F 102 1.72 6.04 13.58
C GLY F 102 2.22 7.34 14.23
N ALA F 103 2.17 8.44 13.48
CA ALA F 103 2.62 9.79 13.96
C ALA F 103 4.06 9.84 14.47
N PRO F 104 5.05 9.76 13.55
CA PRO F 104 6.47 9.61 13.91
C PRO F 104 7.07 10.77 14.70
N ASP F 105 8.12 10.44 15.47
CA ASP F 105 8.85 11.43 16.25
C ASP F 105 9.30 12.62 15.42
N ASP F 106 9.80 12.37 14.21
CA ASP F 106 10.30 13.46 13.36
C ASP F 106 9.23 14.49 13.01
N ALA F 107 8.03 14.02 12.64
CA ALA F 107 6.91 14.91 12.36
C ALA F 107 6.47 15.70 13.59
N PHE F 108 6.48 15.04 14.75
CA PHE F 108 6.10 15.70 15.99
C PHE F 108 7.11 16.76 16.41
N GLU F 109 8.39 16.39 16.35
CA GLU F 109 9.47 17.30 16.75
C GLU F 109 9.50 18.53 15.84
N THR F 110 9.28 18.33 14.56
CA THR F 110 9.22 19.47 13.63
C THR F 110 8.04 20.40 13.96
N LEU F 111 6.90 19.80 14.30
CA LEU F 111 5.74 20.59 14.71
C LEU F 111 6.04 21.41 15.98
N ARG F 112 6.68 20.76 16.96
CA ARG F 112 6.96 21.37 18.27
C ARG F 112 7.88 22.58 18.14
N ALA F 113 8.70 22.59 17.08
CA ALA F 113 9.59 23.71 16.79
C ALA F 113 8.85 24.99 16.41
N HIS F 114 7.60 24.86 15.96
CA HIS F 114 6.84 25.98 15.39
C HIS F 114 5.56 26.32 16.13
N PHE F 115 5.12 25.44 17.03
CA PHE F 115 3.87 25.63 17.76
C PHE F 115 4.01 25.24 19.23
N SER F 116 3.27 25.93 20.10
CA SER F 116 3.22 25.59 21.53
C SER F 116 2.45 24.29 21.73
N ASP F 117 2.60 23.67 22.91
CA ASP F 117 1.88 22.45 23.23
C ASP F 117 0.37 22.66 23.16
N GLU F 118 -0.10 23.81 23.63
CA GLU F 118 -1.52 24.15 23.60
C GLU F 118 -2.03 24.20 22.17
N GLU F 119 -1.28 24.90 21.32
CA GLU F 119 -1.58 25.01 19.89
C GLU F 119 -1.60 23.63 19.24
N ILE F 120 -0.66 22.78 19.65
CA ILE F 120 -0.57 21.42 19.09
C ILE F 120 -1.81 20.58 19.42
N VAL F 121 -2.33 20.72 20.64
CA VAL F 121 -3.58 20.05 21.01
C VAL F 121 -4.74 20.59 20.16
N LYS F 122 -4.83 21.91 20.03
CA LYS F 122 -5.87 22.52 19.17
C LYS F 122 -5.79 22.04 17.72
N ILE F 123 -4.57 22.01 17.18
CA ILE F 123 -4.31 21.52 15.81
C ILE F 123 -4.76 20.07 15.67
N THR F 124 -4.38 19.24 16.63
CA THR F 124 -4.70 17.81 16.54
C THR F 124 -6.20 17.55 16.66
N VAL F 125 -6.89 18.29 17.52
CA VAL F 125 -8.36 18.17 17.58
C VAL F 125 -9.00 18.61 16.25
N ALA F 126 -8.48 19.70 15.68
CA ALA F 126 -8.94 20.20 14.38
C ALA F 126 -8.76 19.12 13.29
N ILE F 127 -7.60 18.45 13.29
CA ILE F 127 -7.41 17.33 12.36
C ILE F 127 -8.43 16.21 12.58
N GLY F 128 -8.71 15.89 13.84
CA GLY F 128 -9.71 14.88 14.14
C GLY F 128 -11.07 15.31 13.60
N ALA F 129 -11.41 16.59 13.83
CA ALA F 129 -12.70 17.12 13.43
C ALA F 129 -12.94 17.03 11.92
N ILE F 130 -11.94 17.44 11.13
CA ILE F 130 -12.12 17.39 9.67
C ILE F 130 -12.12 15.93 9.19
N ASN F 131 -11.36 15.09 9.87
CA ASN F 131 -11.42 13.66 9.56
C ASN F 131 -12.80 13.05 9.77
N THR F 132 -13.54 13.59 10.74
CA THR F 132 -14.90 13.15 10.98
C THR F 132 -15.83 13.67 9.87
N TRP F 133 -15.74 14.96 9.55
CA TRP F 133 -16.57 15.53 8.47
C TRP F 133 -16.33 14.80 7.16
N ASN F 134 -15.07 14.52 6.84
CA ASN F 134 -14.74 13.84 5.58
C ASN F 134 -15.39 12.45 5.53
N ARG F 135 -15.37 11.77 6.67
CA ARG F 135 -15.96 10.43 6.75
C ARG F 135 -17.48 10.49 6.60
N ILE F 136 -18.11 11.50 7.19
CA ILE F 136 -19.55 11.71 7.01
C ILE F 136 -19.90 12.03 5.56
N ALA F 137 -19.22 13.02 5.00
CA ALA F 137 -19.50 13.47 3.64
C ALA F 137 -19.21 12.42 2.59
N VAL F 138 -18.04 11.78 2.63
CA VAL F 138 -17.78 10.72 1.64
C VAL F 138 -18.71 9.53 1.89
N GLY F 139 -18.88 9.18 3.17
CA GLY F 139 -19.73 8.05 3.56
C GLY F 139 -21.16 8.18 3.08
N PHE F 140 -21.68 9.40 3.07
CA PHE F 140 -23.07 9.62 2.66
C PHE F 140 -23.17 10.25 1.28
N ARG F 141 -22.03 10.35 0.60
CA ARG F 141 -21.96 10.83 -0.78
C ARG F 141 -22.59 12.22 -0.92
N SER F 142 -22.28 13.10 0.03
CA SER F 142 -22.73 14.49 -0.04
C SER F 142 -22.24 15.14 -1.33
N GLN F 143 -23.12 15.91 -1.96
CA GLN F 143 -22.85 16.55 -3.25
C GLN F 143 -22.65 18.05 -3.10
N HIS F 144 -21.49 18.54 -3.52
CA HIS F 144 -21.22 19.96 -3.40
C HIS F 144 -21.89 20.74 -4.52
N PRO F 145 -22.16 22.04 -4.29
CA PRO F 145 -22.76 22.89 -5.32
C PRO F 145 -21.83 23.07 -6.50
N VAL F 146 -22.40 23.15 -7.70
CA VAL F 146 -21.60 23.39 -8.91
C VAL F 146 -21.93 24.80 -9.44
N GLU F 147 -20.90 25.62 -9.61
CA GLU F 147 -21.07 27.03 -10.03
C GLU F 147 -21.66 27.15 -11.44
N ALA F 148 -22.23 28.33 -11.74
CA ALA F 148 -22.81 28.59 -13.04
C ALA F 148 -21.72 28.83 -14.08
#